data_1Y9K
#
_entry.id   1Y9K
#
_cell.length_a   70.122
_cell.length_b   70.122
_cell.length_c   171.516
_cell.angle_alpha   90.00
_cell.angle_beta   90.00
_cell.angle_gamma   120.00
#
_symmetry.space_group_name_H-M   'P 32'
#
loop_
_entity.id
_entity.type
_entity.pdbx_description
1 polymer 'IAA acetyltransferase'
2 water water
#
_entity_poly.entity_id   1
_entity_poly.type   'polypeptide(L)'
_entity_poly.pdbx_seq_one_letter_code
;NA(MSE)SVVIERIPKEAIPKSLLLLADPSERQIATYVQRGLTYVAKQGGSVIGVYVLLETRPKT(MSE)EI(MSE)NIA
VAEHLQGKGIGKKLLRHAVETAKGYG(MSE)SKLEVGTGNSSVSQLALYQKCGFRIFSIDFDYFSKHYEEEIIENGIVCR
D(MSE)IRLA(MSE)ELNKNV
;
_entity_poly.pdbx_strand_id   A,B,C,D
#
# COMPACT_ATOMS: atom_id res chain seq x y z
N MSE A 3 -6.92 -5.78 -14.11
CA MSE A 3 -7.97 -6.79 -14.46
C MSE A 3 -8.31 -7.71 -13.29
O MSE A 3 -9.49 -7.94 -12.98
CB MSE A 3 -7.57 -7.62 -15.68
CG MSE A 3 -6.25 -8.42 -15.51
SE MSE A 3 -6.31 -10.12 -16.15
CE MSE A 3 -7.64 -10.86 -15.17
N SER A 4 -7.29 -8.24 -12.62
CA SER A 4 -7.47 -9.28 -11.61
C SER A 4 -7.71 -8.69 -10.22
N VAL A 5 -8.83 -9.06 -9.63
CA VAL A 5 -9.19 -8.60 -8.29
C VAL A 5 -8.62 -9.56 -7.25
N VAL A 6 -7.86 -9.02 -6.30
CA VAL A 6 -7.27 -9.82 -5.22
C VAL A 6 -7.89 -9.44 -3.87
N ILE A 7 -8.41 -10.45 -3.16
CA ILE A 7 -9.12 -10.24 -1.89
C ILE A 7 -8.32 -10.80 -0.73
N GLU A 8 -8.18 -10.01 0.33
CA GLU A 8 -7.38 -10.40 1.49
C GLU A 8 -7.93 -9.79 2.79
N ARG A 9 -7.61 -10.43 3.91
CA ARG A 9 -7.88 -9.86 5.23
C ARG A 9 -7.04 -8.64 5.55
N ILE A 10 -7.64 -7.71 6.28
CA ILE A 10 -6.92 -6.57 6.80
C ILE A 10 -7.18 -6.47 8.29
N PRO A 11 -6.22 -5.92 9.06
CA PRO A 11 -6.50 -5.64 10.47
C PRO A 11 -7.48 -4.47 10.63
N LYS A 12 -8.20 -4.44 11.74
CA LYS A 12 -9.20 -3.38 11.99
C LYS A 12 -8.61 -1.96 12.07
N GLU A 13 -7.32 -1.87 12.37
CA GLU A 13 -6.60 -0.60 12.45
C GLU A 13 -6.30 -0.03 11.05
N ALA A 14 -6.66 -0.79 10.01
CA ALA A 14 -6.35 -0.41 8.64
C ALA A 14 -7.57 -0.41 7.73
N ILE A 15 -8.75 -0.35 8.33
CA ILE A 15 -10.01 -0.40 7.55
C ILE A 15 -10.17 0.79 6.60
N PRO A 16 -10.64 0.51 5.36
CA PRO A 16 -11.04 1.61 4.49
C PRO A 16 -12.38 2.20 4.92
N LYS A 17 -12.34 3.06 5.96
CA LYS A 17 -13.52 3.83 6.40
C LYS A 17 -14.19 4.50 5.21
N SER A 18 -13.35 5.05 4.34
CA SER A 18 -13.70 5.64 3.05
C SER A 18 -14.74 4.84 2.27
N LEU A 19 -14.40 3.59 1.96
CA LEU A 19 -15.28 2.73 1.18
C LEU A 19 -16.46 2.19 1.99
N LEU A 20 -16.22 1.95 3.28
CA LEU A 20 -17.29 1.50 4.19
C LEU A 20 -18.41 2.53 4.35
N LEU A 21 -18.05 3.82 4.23
CA LEU A 21 -18.99 4.92 4.35
C LEU A 21 -19.92 5.02 3.15
N LEU A 22 -19.52 4.36 2.06
CA LEU A 22 -20.32 4.28 0.86
C LEU A 22 -21.57 3.43 1.12
N ALA A 23 -21.39 2.36 1.88
CA ALA A 23 -22.49 1.45 2.20
C ALA A 23 -23.19 1.82 3.50
N ASP A 24 -22.45 2.48 4.40
CA ASP A 24 -22.97 2.82 5.72
C ASP A 24 -22.55 4.24 6.13
N PRO A 25 -23.47 5.21 5.99
CA PRO A 25 -23.20 6.65 6.14
C PRO A 25 -22.68 7.10 7.51
N SER A 26 -22.76 6.26 8.52
CA SER A 26 -22.35 6.66 9.86
C SER A 26 -21.04 5.99 10.31
N GLU A 27 -20.10 6.81 10.76
CA GLU A 27 -18.81 6.32 11.24
C GLU A 27 -18.93 5.63 12.59
N ARG A 28 -19.93 6.03 13.38
CA ARG A 28 -20.19 5.38 14.66
C ARG A 28 -20.78 3.98 14.49
N GLN A 29 -21.65 3.79 13.50
CA GLN A 29 -22.20 2.48 13.13
C GLN A 29 -21.07 1.54 12.74
N ILE A 30 -20.29 1.97 11.75
CA ILE A 30 -19.12 1.23 11.25
C ILE A 30 -18.22 0.77 12.40
N ALA A 31 -17.95 1.67 13.34
CA ALA A 31 -17.16 1.34 14.52
C ALA A 31 -17.76 0.20 15.36
N THR A 32 -19.09 0.17 15.50
CA THR A 32 -19.78 -0.89 16.24
C THR A 32 -19.40 -2.31 15.75
N TYR A 33 -19.37 -2.52 14.44
CA TYR A 33 -19.06 -3.85 13.93
C TYR A 33 -17.63 -4.17 13.49
N VAL A 34 -16.82 -3.16 13.21
CA VAL A 34 -15.44 -3.43 12.79
C VAL A 34 -14.59 -3.93 13.97
N GLN A 35 -14.83 -3.37 15.15
CA GLN A 35 -14.17 -3.80 16.39
C GLN A 35 -14.39 -5.30 16.65
N ARG A 36 -15.62 -5.74 16.44
CA ARG A 36 -16.03 -7.11 16.76
C ARG A 36 -15.89 -8.10 15.59
N GLY A 37 -15.78 -7.59 14.38
CA GLY A 37 -15.85 -8.43 13.19
C GLY A 37 -14.59 -8.57 12.35
N LEU A 38 -14.73 -9.15 11.17
CA LEU A 38 -13.60 -9.48 10.31
C LEU A 38 -13.77 -8.75 8.98
N THR A 39 -12.76 -7.96 8.62
CA THR A 39 -12.82 -7.13 7.43
C THR A 39 -11.89 -7.66 6.34
N TYR A 40 -12.44 -7.82 5.13
CA TYR A 40 -11.68 -8.23 3.96
C TYR A 40 -11.76 -7.16 2.89
N VAL A 41 -10.65 -6.88 2.21
CA VAL A 41 -10.68 -5.88 1.14
C VAL A 41 -10.38 -6.49 -0.24
N ALA A 42 -10.92 -5.87 -1.28
CA ALA A 42 -10.59 -6.20 -2.66
C ALA A 42 -9.64 -5.14 -3.23
N LYS A 43 -8.57 -5.60 -3.89
CA LYS A 43 -7.60 -4.69 -4.51
C LYS A 43 -7.50 -4.94 -6.01
N GLN A 44 -7.46 -3.85 -6.79
CA GLN A 44 -7.13 -3.90 -8.24
C GLN A 44 -6.89 -2.51 -8.87
N GLY A 45 -5.85 -2.44 -9.71
CA GLY A 45 -5.45 -1.19 -10.36
C GLY A 45 -4.62 -0.32 -9.44
N GLY A 46 -3.94 -0.98 -8.50
CA GLY A 46 -3.12 -0.28 -7.50
C GLY A 46 -3.86 0.33 -6.30
N SER A 47 -5.09 -0.11 -6.04
CA SER A 47 -5.86 0.45 -4.92
C SER A 47 -6.95 -0.48 -4.37
N VAL A 48 -7.35 -0.23 -3.11
CA VAL A 48 -8.50 -0.88 -2.49
C VAL A 48 -9.83 -0.35 -3.07
N ILE A 49 -10.57 -1.24 -3.73
CA ILE A 49 -11.77 -0.87 -4.48
C ILE A 49 -13.06 -1.62 -4.05
N GLY A 50 -12.91 -2.52 -3.08
CA GLY A 50 -14.01 -3.30 -2.54
C GLY A 50 -13.73 -3.67 -1.09
N VAL A 51 -14.78 -3.95 -0.35
CA VAL A 51 -14.65 -4.34 1.04
C VAL A 51 -15.88 -5.12 1.47
N TYR A 52 -15.72 -5.95 2.50
CA TYR A 52 -16.83 -6.50 3.26
C TYR A 52 -16.41 -6.78 4.73
N VAL A 53 -17.38 -6.72 5.63
CA VAL A 53 -17.16 -7.01 7.04
C VAL A 53 -18.13 -8.13 7.43
N LEU A 54 -17.55 -9.21 7.98
CA LEU A 54 -18.30 -10.33 8.55
C LEU A 54 -18.37 -10.18 10.06
N LEU A 55 -19.56 -10.38 10.62
CA LEU A 55 -19.72 -10.40 12.07
C LEU A 55 -20.41 -11.70 12.49
N GLU A 56 -19.89 -12.34 13.52
CA GLU A 56 -20.51 -13.53 14.10
C GLU A 56 -21.60 -13.12 15.08
N THR A 57 -22.82 -13.58 14.84
CA THR A 57 -23.99 -13.04 15.51
C THR A 57 -24.67 -14.09 16.41
N ARG A 58 -25.73 -14.71 15.91
CA ARG A 58 -26.37 -15.86 16.55
C ARG A 58 -25.47 -17.08 16.37
N PRO A 59 -25.75 -18.19 17.11
CA PRO A 59 -24.93 -19.39 16.98
C PRO A 59 -24.73 -19.84 15.54
N LYS A 60 -23.47 -20.13 15.17
CA LYS A 60 -23.13 -20.69 13.86
C LYS A 60 -23.54 -19.78 12.70
N THR A 61 -23.73 -18.50 13.01
CA THR A 61 -24.22 -17.50 12.07
C THR A 61 -23.25 -16.32 11.93
N MSE A 62 -22.90 -16.01 10.69
CA MSE A 62 -22.26 -14.73 10.37
C MSE A 62 -23.20 -13.84 9.54
O MSE A 62 -24.08 -14.33 8.83
CB MSE A 62 -20.90 -14.92 9.69
CG MSE A 62 -19.80 -15.44 10.66
SE MSE A 62 -18.07 -15.52 10.09
CE MSE A 62 -18.15 -16.35 8.57
N GLU A 63 -23.00 -12.53 9.67
CA GLU A 63 -23.69 -11.58 8.85
C GLU A 63 -22.71 -10.66 8.15
N ILE A 64 -22.96 -10.40 6.86
CA ILE A 64 -22.26 -9.34 6.13
C ILE A 64 -22.81 -7.98 6.55
N MSE A 65 -22.07 -7.30 7.41
CA MSE A 65 -22.54 -6.05 8.04
C MSE A 65 -22.37 -4.85 7.12
O MSE A 65 -23.02 -3.82 7.29
CB MSE A 65 -21.79 -5.78 9.35
CG MSE A 65 -22.05 -6.80 10.47
SE MSE A 65 -23.80 -7.10 10.83
CE MSE A 65 -24.35 -5.48 11.31
N ASN A 66 -21.47 -5.00 6.17
CA ASN A 66 -21.14 -3.94 5.23
C ASN A 66 -20.46 -4.61 4.07
N ILE A 67 -20.89 -4.24 2.86
CA ILE A 67 -20.23 -4.64 1.64
C ILE A 67 -20.27 -3.45 0.68
N ALA A 68 -19.13 -3.09 0.09
CA ALA A 68 -19.02 -1.89 -0.72
C ALA A 68 -18.02 -2.07 -1.84
N VAL A 69 -18.36 -1.49 -2.98
CA VAL A 69 -17.50 -1.47 -4.17
C VAL A 69 -17.37 0.00 -4.58
N ALA A 70 -16.19 0.40 -5.03
CA ALA A 70 -15.95 1.75 -5.51
C ALA A 70 -16.98 2.10 -6.57
N GLU A 71 -17.52 3.32 -6.48
CA GLU A 71 -18.62 3.78 -7.33
C GLU A 71 -18.35 3.59 -8.83
N HIS A 72 -17.15 4.00 -9.27
CA HIS A 72 -16.78 3.94 -10.70
C HIS A 72 -16.57 2.52 -11.22
N LEU A 73 -16.48 1.55 -10.32
CA LEU A 73 -16.22 0.16 -10.70
C LEU A 73 -17.42 -0.77 -10.53
N GLN A 74 -18.56 -0.22 -10.11
CA GLN A 74 -19.76 -1.04 -9.83
C GLN A 74 -20.38 -1.66 -11.08
N GLY A 75 -21.07 -2.79 -10.90
CA GLY A 75 -21.59 -3.59 -12.01
C GLY A 75 -20.51 -4.13 -12.93
N LYS A 76 -19.37 -4.53 -12.36
CA LYS A 76 -18.27 -5.13 -13.14
C LYS A 76 -17.96 -6.55 -12.65
N GLY A 77 -18.70 -7.00 -11.63
CA GLY A 77 -18.60 -8.36 -11.13
C GLY A 77 -17.84 -8.45 -9.83
N ILE A 78 -17.48 -7.30 -9.26
CA ILE A 78 -16.68 -7.23 -8.04
C ILE A 78 -17.52 -7.55 -6.80
N GLY A 79 -18.79 -7.11 -6.80
CA GLY A 79 -19.74 -7.47 -5.76
C GLY A 79 -19.93 -8.97 -5.68
N LYS A 80 -20.29 -9.55 -6.82
CA LYS A 80 -20.27 -11.01 -7.05
C LYS A 80 -19.06 -11.68 -6.38
N LYS A 81 -17.86 -11.19 -6.69
CA LYS A 81 -16.61 -11.76 -6.18
C LYS A 81 -16.45 -11.66 -4.66
N LEU A 82 -16.75 -10.50 -4.09
CA LEU A 82 -16.67 -10.29 -2.64
C LEU A 82 -17.64 -11.21 -1.89
N LEU A 83 -18.80 -11.42 -2.53
CA LEU A 83 -19.88 -12.21 -1.95
C LEU A 83 -19.51 -13.69 -1.93
N ARG A 84 -19.07 -14.22 -3.07
CA ARG A 84 -18.48 -15.57 -3.16
C ARG A 84 -17.45 -15.77 -2.04
N HIS A 85 -16.55 -14.78 -1.87
CA HIS A 85 -15.49 -14.84 -0.86
C HIS A 85 -16.00 -14.82 0.58
N ALA A 86 -17.03 -14.00 0.84
CA ALA A 86 -17.70 -14.00 2.15
C ALA A 86 -18.28 -15.37 2.50
N VAL A 87 -18.97 -15.99 1.52
CA VAL A 87 -19.57 -17.32 1.68
C VAL A 87 -18.48 -18.36 2.04
N GLU A 88 -17.40 -18.36 1.27
CA GLU A 88 -16.29 -19.28 1.49
C GLU A 88 -15.59 -19.06 2.83
N THR A 89 -15.42 -17.80 3.20
CA THR A 89 -14.82 -17.46 4.48
C THR A 89 -15.69 -17.96 5.64
N ALA A 90 -17.00 -17.83 5.48
CA ALA A 90 -17.98 -18.22 6.48
C ALA A 90 -18.07 -19.73 6.69
N LYS A 91 -18.01 -20.49 5.60
CA LYS A 91 -17.91 -21.95 5.68
C LYS A 91 -16.64 -22.31 6.44
N GLY A 92 -15.52 -21.70 6.02
CA GLY A 92 -14.22 -21.89 6.66
C GLY A 92 -14.24 -21.77 8.17
N TYR A 93 -15.03 -20.83 8.68
CA TYR A 93 -15.14 -20.62 10.14
C TYR A 93 -16.10 -21.59 10.84
N GLY A 94 -16.70 -22.49 10.07
CA GLY A 94 -17.60 -23.50 10.62
C GLY A 94 -19.04 -23.04 10.78
N MSE A 95 -19.39 -21.91 10.17
CA MSE A 95 -20.77 -21.41 10.19
C MSE A 95 -21.71 -22.22 9.29
O MSE A 95 -21.28 -22.78 8.27
CB MSE A 95 -20.84 -19.92 9.81
CG MSE A 95 -19.87 -19.00 10.58
SE MSE A 95 -20.25 -18.73 12.31
CE MSE A 95 -19.14 -19.87 13.10
N SER A 96 -22.98 -22.28 9.68
CA SER A 96 -24.01 -22.92 8.88
C SER A 96 -25.00 -21.93 8.26
N LYS A 97 -24.93 -20.66 8.69
CA LYS A 97 -25.86 -19.63 8.20
C LYS A 97 -25.12 -18.32 7.93
N LEU A 98 -25.34 -17.75 6.74
CA LEU A 98 -24.85 -16.43 6.39
C LEU A 98 -26.03 -15.47 6.12
N GLU A 99 -25.99 -14.31 6.75
CA GLU A 99 -27.02 -13.28 6.57
C GLU A 99 -26.47 -11.98 6.02
N VAL A 100 -27.34 -11.26 5.32
CA VAL A 100 -27.04 -9.94 4.81
C VAL A 100 -28.35 -9.14 4.81
N GLY A 101 -28.25 -7.87 5.20
CA GLY A 101 -29.38 -6.95 5.14
C GLY A 101 -29.11 -5.93 4.06
N THR A 102 -30.19 -5.37 3.51
CA THR A 102 -30.10 -4.24 2.60
C THR A 102 -31.42 -3.46 2.62
N GLY A 103 -31.37 -2.19 2.23
CA GLY A 103 -32.56 -1.34 2.18
C GLY A 103 -33.60 -1.79 1.16
N ASN A 104 -34.85 -1.43 1.42
CA ASN A 104 -35.95 -1.76 0.51
C ASN A 104 -35.75 -1.17 -0.88
N SER A 105 -35.06 -0.04 -0.91
CA SER A 105 -34.74 0.68 -2.12
C SER A 105 -33.54 0.08 -2.88
N SER A 106 -32.76 -0.79 -2.23
CA SER A 106 -31.53 -1.32 -2.84
C SER A 106 -31.83 -2.51 -3.73
N VAL A 107 -32.61 -2.26 -4.77
CA VAL A 107 -33.17 -3.34 -5.60
C VAL A 107 -32.12 -4.11 -6.40
N SER A 108 -31.08 -3.41 -6.86
CA SER A 108 -29.97 -4.04 -7.56
C SER A 108 -29.18 -5.00 -6.63
N GLN A 109 -29.03 -4.63 -5.37
CA GLN A 109 -28.44 -5.53 -4.37
C GLN A 109 -29.35 -6.72 -4.05
N LEU A 110 -30.65 -6.45 -3.93
CA LEU A 110 -31.64 -7.52 -3.78
C LEU A 110 -31.55 -8.60 -4.86
N ALA A 111 -31.44 -8.19 -6.12
CA ALA A 111 -31.23 -9.14 -7.23
C ALA A 111 -29.90 -9.89 -7.11
N LEU A 112 -28.82 -9.14 -6.84
CA LEU A 112 -27.48 -9.72 -6.68
C LEU A 112 -27.43 -10.79 -5.58
N TYR A 113 -27.86 -10.45 -4.38
CA TYR A 113 -27.87 -11.38 -3.25
C TYR A 113 -28.62 -12.67 -3.56
N GLN A 114 -29.80 -12.53 -4.17
CA GLN A 114 -30.63 -13.69 -4.50
C GLN A 114 -30.00 -14.57 -5.59
N LYS A 115 -29.40 -13.93 -6.60
CA LYS A 115 -28.65 -14.64 -7.65
C LYS A 115 -27.52 -15.45 -7.02
N CYS A 116 -26.95 -14.92 -5.93
CA CYS A 116 -25.87 -15.58 -5.22
C CYS A 116 -26.32 -16.57 -4.14
N GLY A 117 -27.62 -16.80 -4.01
CA GLY A 117 -28.13 -17.84 -3.11
C GLY A 117 -28.86 -17.40 -1.84
N PHE A 118 -28.85 -16.10 -1.57
CA PHE A 118 -29.58 -15.54 -0.42
C PHE A 118 -31.10 -15.52 -0.63
N ARG A 119 -31.84 -15.84 0.42
CA ARG A 119 -33.27 -15.80 0.37
C ARG A 119 -33.82 -14.74 1.33
N ILE A 120 -34.78 -13.94 0.86
CA ILE A 120 -35.40 -12.91 1.68
C ILE A 120 -36.33 -13.58 2.68
N PHE A 121 -36.20 -13.24 3.96
CA PHE A 121 -36.99 -13.90 5.01
C PHE A 121 -37.70 -12.95 5.98
N SER A 122 -37.31 -11.68 6.00
CA SER A 122 -37.77 -10.76 7.04
C SER A 122 -37.50 -9.29 6.70
N ILE A 123 -38.22 -8.40 7.38
CA ILE A 123 -38.13 -6.95 7.21
C ILE A 123 -38.01 -6.27 8.60
N ASP A 124 -36.92 -5.55 8.84
CA ASP A 124 -36.87 -4.63 9.99
C ASP A 124 -37.43 -3.29 9.56
N PHE A 125 -38.65 -2.98 9.99
CA PHE A 125 -39.31 -1.74 9.61
C PHE A 125 -38.69 -0.51 10.26
N ASP A 126 -38.52 0.55 9.46
CA ASP A 126 -38.03 1.84 9.94
C ASP A 126 -36.58 1.81 10.43
N TYR A 127 -35.84 0.79 10.03
CA TYR A 127 -34.48 0.61 10.46
C TYR A 127 -33.63 1.86 10.21
N PHE A 128 -33.72 2.38 9.00
CA PHE A 128 -32.84 3.46 8.57
C PHE A 128 -33.19 4.79 9.19
N SER A 129 -34.49 5.06 9.28
CA SER A 129 -35.01 6.26 9.94
C SER A 129 -34.48 6.32 11.38
N LYS A 130 -34.35 5.15 11.99
CA LYS A 130 -33.94 4.99 13.37
C LYS A 130 -32.43 5.10 13.59
N HIS A 131 -31.65 4.65 12.61
CA HIS A 131 -30.19 4.60 12.74
C HIS A 131 -29.48 5.82 12.17
N TYR A 132 -30.18 6.60 11.35
CA TYR A 132 -29.56 7.75 10.70
C TYR A 132 -30.40 9.00 10.82
N GLU A 133 -29.74 10.10 11.18
CA GLU A 133 -30.38 11.41 11.27
C GLU A 133 -31.02 11.78 9.93
N GLU A 134 -30.27 11.60 8.84
CA GLU A 134 -30.71 12.03 7.51
C GLU A 134 -31.32 10.92 6.65
N GLU A 135 -32.46 11.25 6.03
CA GLU A 135 -33.17 10.36 5.09
C GLU A 135 -32.32 9.92 3.89
N ILE A 136 -32.42 8.64 3.54
CA ILE A 136 -31.74 8.07 2.37
C ILE A 136 -32.75 7.80 1.24
N ILE A 137 -32.48 8.35 0.07
CA ILE A 137 -33.27 8.08 -1.14
C ILE A 137 -32.39 7.43 -2.21
N GLU A 138 -32.96 6.44 -2.90
CA GLU A 138 -32.20 5.58 -3.80
C GLU A 138 -33.06 5.23 -5.01
N ASN A 139 -32.73 5.83 -6.16
CA ASN A 139 -33.48 5.65 -7.40
C ASN A 139 -34.96 6.00 -7.23
N GLY A 140 -35.21 7.11 -6.55
CA GLY A 140 -36.57 7.60 -6.30
C GLY A 140 -37.32 6.95 -5.14
N ILE A 141 -36.71 5.96 -4.50
CA ILE A 141 -37.34 5.22 -3.39
C ILE A 141 -36.68 5.58 -2.07
N VAL A 142 -37.47 5.92 -1.06
CA VAL A 142 -36.95 6.13 0.30
C VAL A 142 -36.49 4.80 0.89
N CYS A 143 -35.22 4.75 1.28
CA CYS A 143 -34.62 3.63 1.97
C CYS A 143 -35.05 3.72 3.41
N ARG A 144 -36.06 2.94 3.74
CA ARG A 144 -36.79 3.05 4.99
CA ARG A 144 -36.76 3.06 5.01
C ARG A 144 -36.61 1.80 5.86
N ASP A 145 -36.69 0.64 5.24
CA ASP A 145 -36.72 -0.64 5.94
C ASP A 145 -35.53 -1.50 5.53
N MSE A 146 -35.04 -2.33 6.47
CA MSE A 146 -33.98 -3.31 6.15
C MSE A 146 -34.62 -4.63 5.76
O MSE A 146 -35.31 -5.28 6.55
CB MSE A 146 -33.01 -3.47 7.33
CG MSE A 146 -31.70 -4.23 7.01
SE MSE A 146 -30.54 -3.34 5.92
CE MSE A 146 -29.40 -2.68 7.16
N ILE A 147 -34.38 -5.04 4.52
CA ILE A 147 -34.77 -6.37 4.07
C ILE A 147 -33.68 -7.35 4.50
N ARG A 148 -34.10 -8.43 5.16
CA ARG A 148 -33.17 -9.40 5.74
C ARG A 148 -33.14 -10.65 4.86
N LEU A 149 -31.94 -11.10 4.54
CA LEU A 149 -31.76 -12.26 3.69
C LEU A 149 -30.80 -13.24 4.36
N ALA A 150 -30.94 -14.52 4.02
CA ALA A 150 -30.14 -15.56 4.65
C ALA A 150 -29.82 -16.68 3.69
N MSE A 151 -28.74 -17.37 4.00
CA MSE A 151 -28.23 -18.44 3.19
C MSE A 151 -27.77 -19.55 4.14
O MSE A 151 -27.06 -19.31 5.12
CB MSE A 151 -27.04 -17.91 2.40
CG MSE A 151 -26.64 -18.74 1.24
SE MSE A 151 -25.03 -18.23 0.61
CE MSE A 151 -25.01 -19.16 -0.90
N GLU A 152 -28.20 -20.79 3.86
CA GLU A 152 -27.66 -21.93 4.58
C GLU A 152 -26.37 -22.38 3.91
N LEU A 153 -25.32 -22.52 4.71
CA LEU A 153 -24.00 -22.89 4.19
C LEU A 153 -23.80 -24.40 4.34
N ASN A 154 -24.15 -24.91 5.53
CA ASN A 154 -24.23 -26.36 5.87
C ASN A 154 -23.39 -26.81 7.07
N ASN B 1 -2.31 5.46 13.49
CA ASN B 1 -1.76 6.14 12.26
C ASN B 1 -1.82 5.31 10.95
N ALA B 2 -2.01 3.99 11.07
CA ALA B 2 -2.41 3.16 9.91
C ALA B 2 -3.82 3.51 9.41
N MSE B 3 -4.54 4.29 10.24
CA MSE B 3 -5.86 4.82 9.92
C MSE B 3 -5.73 6.16 9.18
O MSE B 3 -6.68 6.61 8.53
CB MSE B 3 -6.69 4.97 11.20
CG MSE B 3 -8.23 4.79 11.03
SE MSE B 3 -8.87 3.07 10.92
CE MSE B 3 -8.28 2.61 9.32
N SER B 4 -4.56 6.79 9.27
CA SER B 4 -4.33 8.13 8.71
C SER B 4 -4.35 8.16 7.18
N VAL B 5 -4.80 9.31 6.65
CA VAL B 5 -4.76 9.58 5.21
C VAL B 5 -3.32 9.66 4.69
N VAL B 6 -3.08 9.04 3.54
CA VAL B 6 -1.76 9.04 2.92
C VAL B 6 -1.88 9.68 1.55
N ILE B 7 -1.09 10.73 1.31
CA ILE B 7 -1.11 11.43 0.04
C ILE B 7 0.19 11.20 -0.71
N GLU B 8 0.11 10.53 -1.84
CA GLU B 8 1.31 10.20 -2.58
C GLU B 8 1.18 10.43 -4.09
N ARG B 9 2.31 10.81 -4.69
CA ARG B 9 2.49 10.98 -6.11
C ARG B 9 2.18 9.68 -6.84
N ILE B 10 1.41 9.77 -7.91
CA ILE B 10 1.14 8.62 -8.77
C ILE B 10 1.73 8.79 -10.18
N PRO B 11 2.05 7.67 -10.86
CA PRO B 11 2.37 7.76 -12.29
C PRO B 11 1.16 8.27 -13.08
N LYS B 12 1.40 8.94 -14.19
CA LYS B 12 0.30 9.51 -14.97
C LYS B 12 -0.70 8.50 -15.53
N GLU B 13 -0.27 7.26 -15.67
CA GLU B 13 -1.17 6.21 -16.13
C GLU B 13 -2.17 5.76 -15.06
N ALA B 14 -1.87 6.03 -13.79
CA ALA B 14 -2.73 5.58 -12.69
C ALA B 14 -3.76 6.61 -12.20
N ILE B 15 -3.95 7.70 -12.95
CA ILE B 15 -4.85 8.78 -12.52
C ILE B 15 -6.28 8.31 -12.15
N PRO B 16 -6.85 8.90 -11.08
CA PRO B 16 -8.25 8.60 -10.75
C PRO B 16 -9.18 9.40 -11.67
N LYS B 17 -9.35 8.88 -12.89
CA LYS B 17 -10.03 9.55 -13.99
C LYS B 17 -11.39 10.14 -13.59
N SER B 18 -12.21 9.34 -12.92
CA SER B 18 -13.57 9.73 -12.51
C SER B 18 -13.57 10.80 -11.44
N LEU B 19 -12.66 10.71 -10.48
CA LEU B 19 -12.42 11.77 -9.51
C LEU B 19 -12.04 13.09 -10.17
N LEU B 20 -11.13 13.03 -11.14
CA LEU B 20 -10.68 14.22 -11.89
C LEU B 20 -11.80 14.83 -12.73
N LEU B 21 -12.68 13.98 -13.27
CA LEU B 21 -13.83 14.42 -14.07
C LEU B 21 -14.91 15.12 -13.24
N LEU B 22 -14.93 14.81 -11.94
CA LEU B 22 -15.81 15.51 -10.97
C LEU B 22 -15.46 16.97 -10.84
N ALA B 23 -14.19 17.29 -11.04
CA ALA B 23 -13.70 18.64 -10.92
C ALA B 23 -13.73 19.40 -12.27
N ASP B 24 -13.49 18.66 -13.35
CA ASP B 24 -13.26 19.23 -14.68
C ASP B 24 -13.78 18.21 -15.71
N PRO B 25 -14.95 18.50 -16.33
CA PRO B 25 -15.65 17.55 -17.21
C PRO B 25 -14.94 17.21 -18.53
N SER B 26 -13.78 17.80 -18.78
CA SER B 26 -13.09 17.58 -20.05
C SER B 26 -11.87 16.68 -19.89
N GLU B 27 -11.95 15.49 -20.50
CA GLU B 27 -10.86 14.53 -20.50
C GLU B 27 -9.61 15.03 -21.21
N ARG B 28 -9.78 15.67 -22.36
CA ARG B 28 -8.63 16.16 -23.12
C ARG B 28 -7.90 17.33 -22.42
N GLN B 29 -8.66 18.14 -21.68
CA GLN B 29 -8.07 19.16 -20.82
C GLN B 29 -7.33 18.60 -19.59
N ILE B 30 -7.93 17.61 -18.92
CA ILE B 30 -7.26 16.87 -17.85
C ILE B 30 -5.96 16.27 -18.39
N ALA B 31 -6.03 15.66 -19.57
CA ALA B 31 -4.89 14.99 -20.21
C ALA B 31 -3.71 15.95 -20.37
N THR B 32 -4.00 17.19 -20.75
CA THR B 32 -2.97 18.19 -20.98
C THR B 32 -2.17 18.49 -19.72
N TYR B 33 -2.85 18.79 -18.62
CA TYR B 33 -2.11 19.15 -17.41
C TYR B 33 -1.59 17.96 -16.60
N VAL B 34 -2.18 16.79 -16.79
CA VAL B 34 -1.63 15.57 -16.23
C VAL B 34 -0.29 15.19 -16.90
N GLN B 35 -0.19 15.35 -18.23
CA GLN B 35 1.07 15.12 -18.95
C GLN B 35 2.22 16.06 -18.53
N ARG B 36 1.90 17.33 -18.32
CA ARG B 36 2.89 18.35 -17.95
C ARG B 36 3.08 18.45 -16.43
N GLY B 37 2.10 17.98 -15.68
CA GLY B 37 2.07 18.22 -14.24
C GLY B 37 2.37 17.03 -13.34
N LEU B 38 2.08 17.23 -12.05
CA LEU B 38 2.41 16.31 -10.98
C LEU B 38 1.10 15.97 -10.25
N THR B 39 0.73 14.69 -10.28
CA THR B 39 -0.54 14.25 -9.72
C THR B 39 -0.34 13.50 -8.41
N TYR B 40 -1.07 13.93 -7.38
CA TYR B 40 -1.04 13.32 -6.06
C TYR B 40 -2.40 12.78 -5.65
N VAL B 41 -2.39 11.59 -5.08
CA VAL B 41 -3.62 10.94 -4.66
C VAL B 41 -3.64 10.76 -3.16
N ALA B 42 -4.78 11.07 -2.55
CA ALA B 42 -5.05 10.78 -1.15
C ALA B 42 -5.73 9.41 -1.02
N LYS B 43 -5.21 8.60 -0.12
CA LYS B 43 -5.80 7.29 0.18
C LYS B 43 -6.06 7.19 1.66
N GLN B 44 -7.05 6.37 2.02
CA GLN B 44 -7.29 5.98 3.41
C GLN B 44 -7.66 4.49 3.40
N GLY B 45 -6.92 3.69 4.17
CA GLY B 45 -7.07 2.23 4.12
C GLY B 45 -6.86 1.65 2.72
N GLY B 46 -5.98 2.29 1.93
CA GLY B 46 -5.63 1.84 0.58
C GLY B 46 -6.62 2.25 -0.49
N SER B 47 -7.63 3.00 -0.09
CA SER B 47 -8.74 3.40 -0.94
C SER B 47 -8.66 4.88 -1.30
N VAL B 48 -8.80 5.17 -2.59
CA VAL B 48 -8.66 6.53 -3.13
C VAL B 48 -9.82 7.42 -2.67
N ILE B 49 -9.49 8.57 -2.08
CA ILE B 49 -10.50 9.45 -1.49
C ILE B 49 -10.41 10.88 -2.02
N GLY B 50 -9.34 11.17 -2.76
CA GLY B 50 -9.03 12.52 -3.15
C GLY B 50 -7.86 12.55 -4.09
N VAL B 51 -7.67 13.71 -4.72
CA VAL B 51 -6.66 13.92 -5.75
C VAL B 51 -6.41 15.41 -5.94
N TYR B 52 -5.18 15.75 -6.30
CA TYR B 52 -4.86 17.07 -6.85
C TYR B 52 -3.74 16.95 -7.89
N VAL B 53 -3.74 17.89 -8.84
CA VAL B 53 -2.70 17.99 -9.85
C VAL B 53 -2.03 19.35 -9.73
N LEU B 54 -0.70 19.33 -9.64
CA LEU B 54 0.07 20.56 -9.64
C LEU B 54 0.72 20.76 -11.00
N LEU B 55 0.78 22.02 -11.43
CA LEU B 55 1.44 22.39 -12.67
C LEU B 55 2.34 23.60 -12.42
N GLU B 56 3.60 23.47 -12.79
CA GLU B 56 4.52 24.60 -12.73
C GLU B 56 4.24 25.58 -13.90
N THR B 57 3.94 26.83 -13.57
CA THR B 57 3.46 27.76 -14.60
C THR B 57 4.47 28.88 -14.84
N ARG B 58 4.20 30.06 -14.30
CA ARG B 58 5.15 31.16 -14.34
C ARG B 58 6.38 30.78 -13.50
N PRO B 59 7.48 31.57 -13.60
CA PRO B 59 8.65 31.27 -12.78
C PRO B 59 8.29 31.16 -11.32
N LYS B 60 8.66 30.02 -10.71
CA LYS B 60 8.56 29.77 -9.27
C LYS B 60 7.11 29.76 -8.75
N THR B 61 6.21 29.45 -9.67
CA THR B 61 4.80 29.35 -9.43
C THR B 61 4.32 27.96 -9.82
N MSE B 62 3.62 27.29 -8.91
CA MSE B 62 2.79 26.16 -9.27
C MSE B 62 1.32 26.52 -9.13
O MSE B 62 0.94 27.36 -8.30
CB MSE B 62 3.12 24.92 -8.42
CG MSE B 62 4.28 24.07 -8.99
SE MSE B 62 4.77 22.76 -7.90
CE MSE B 62 6.13 22.06 -8.84
N GLU B 63 0.48 25.89 -9.94
CA GLU B 63 -0.95 26.06 -9.84
C GLU B 63 -1.62 24.71 -9.59
N ILE B 64 -2.65 24.69 -8.74
CA ILE B 64 -3.47 23.50 -8.53
C ILE B 64 -4.52 23.45 -9.66
N MSE B 65 -4.34 22.54 -10.61
CA MSE B 65 -5.11 22.53 -11.84
C MSE B 65 -6.39 21.76 -11.67
O MSE B 65 -7.35 21.92 -12.44
CB MSE B 65 -4.30 21.93 -13.00
CG MSE B 65 -3.09 22.80 -13.46
SE MSE B 65 -3.42 24.55 -13.79
CE MSE B 65 -4.71 24.40 -15.03
N ASN B 66 -6.42 20.93 -10.63
CA ASN B 66 -7.53 20.04 -10.35
C ASN B 66 -7.38 19.59 -8.93
N ILE B 67 -8.51 19.56 -8.21
CA ILE B 67 -8.58 19.08 -6.83
C ILE B 67 -10.00 18.55 -6.61
N ALA B 68 -10.10 17.28 -6.20
CA ALA B 68 -11.39 16.61 -6.03
C ALA B 68 -11.37 15.62 -4.87
N VAL B 69 -12.53 15.47 -4.23
CA VAL B 69 -12.75 14.57 -3.10
C VAL B 69 -13.82 13.59 -3.56
N ALA B 70 -13.76 12.34 -3.09
CA ALA B 70 -14.81 11.34 -3.43
C ALA B 70 -16.20 11.90 -3.12
N GLU B 71 -17.17 11.66 -4.00
CA GLU B 71 -18.53 12.23 -3.87
C GLU B 71 -19.17 12.08 -2.48
N HIS B 72 -19.06 10.89 -1.90
CA HIS B 72 -19.68 10.60 -0.61
C HIS B 72 -18.90 11.13 0.61
N LEU B 73 -17.73 11.72 0.35
CA LEU B 73 -16.79 12.07 1.43
C LEU B 73 -16.65 13.56 1.70
N GLN B 74 -17.56 14.35 1.16
CA GLN B 74 -17.54 15.78 1.37
C GLN B 74 -17.94 16.16 2.79
N GLY B 75 -17.41 17.28 3.27
CA GLY B 75 -17.64 17.72 4.64
C GLY B 75 -16.82 16.97 5.67
N LYS B 76 -15.81 16.21 5.22
CA LYS B 76 -15.01 15.39 6.13
C LYS B 76 -13.55 15.85 6.26
N GLY B 77 -13.22 16.98 5.66
CA GLY B 77 -11.93 17.63 5.90
C GLY B 77 -10.79 17.18 5.02
N ILE B 78 -11.13 16.55 3.90
CA ILE B 78 -10.14 16.02 2.95
C ILE B 78 -9.62 17.12 2.01
N GLY B 79 -10.50 18.01 1.56
CA GLY B 79 -10.09 19.16 0.77
C GLY B 79 -8.99 19.93 1.46
N LYS B 80 -9.22 20.24 2.75
CA LYS B 80 -8.22 20.92 3.56
C LYS B 80 -6.87 20.21 3.58
N LYS B 81 -6.88 18.89 3.75
CA LYS B 81 -5.62 18.18 3.84
C LYS B 81 -4.92 17.92 2.50
N LEU B 82 -5.69 17.91 1.41
CA LEU B 82 -5.12 17.94 0.07
C LEU B 82 -4.40 19.27 -0.16
N LEU B 83 -5.06 20.36 0.22
CA LEU B 83 -4.50 21.70 0.17
C LEU B 83 -3.20 21.89 0.97
N ARG B 84 -3.19 21.46 2.24
CA ARG B 84 -1.98 21.56 3.07
C ARG B 84 -0.83 20.81 2.41
N HIS B 85 -1.16 19.68 1.79
CA HIS B 85 -0.15 18.84 1.16
C HIS B 85 0.35 19.48 -0.14
N ALA B 86 -0.57 20.02 -0.92
CA ALA B 86 -0.23 20.80 -2.09
C ALA B 86 0.71 21.96 -1.72
N VAL B 87 0.42 22.65 -0.62
CA VAL B 87 1.29 23.76 -0.17
C VAL B 87 2.69 23.27 0.18
N GLU B 88 2.74 22.15 0.92
CA GLU B 88 3.99 21.51 1.36
C GLU B 88 4.82 21.07 0.18
N THR B 89 4.16 20.53 -0.84
CA THR B 89 4.81 20.01 -2.05
C THR B 89 5.41 21.15 -2.89
N ALA B 90 4.64 22.23 -3.06
CA ALA B 90 5.07 23.40 -3.79
C ALA B 90 6.28 24.04 -3.11
N LYS B 91 6.17 24.27 -1.80
CA LYS B 91 7.27 24.76 -0.96
C LYS B 91 8.51 23.89 -1.12
N GLY B 92 8.32 22.58 -1.14
CA GLY B 92 9.42 21.62 -1.28
C GLY B 92 10.07 21.61 -2.64
N TYR B 93 9.34 22.03 -3.66
CA TYR B 93 9.89 22.15 -5.03
C TYR B 93 10.63 23.47 -5.27
N GLY B 94 10.59 24.36 -4.27
CA GLY B 94 11.27 25.65 -4.38
C GLY B 94 10.38 26.77 -4.91
N MSE B 95 9.07 26.54 -4.96
CA MSE B 95 8.14 27.57 -5.44
C MSE B 95 8.01 28.73 -4.47
O MSE B 95 8.17 28.55 -3.25
CB MSE B 95 6.79 26.97 -5.82
CG MSE B 95 6.89 25.82 -6.86
SE MSE B 95 7.78 26.19 -8.38
CE MSE B 95 6.58 26.13 -9.60
N SER B 96 7.75 29.91 -5.02
CA SER B 96 7.46 31.14 -4.26
C SER B 96 5.95 31.38 -4.13
N LYS B 97 5.19 30.79 -5.04
CA LYS B 97 3.78 31.08 -5.19
C LYS B 97 2.99 29.85 -5.57
N LEU B 98 1.83 29.71 -4.93
CA LEU B 98 0.86 28.68 -5.26
C LEU B 98 -0.46 29.35 -5.68
N GLU B 99 -0.97 28.98 -6.86
CA GLU B 99 -2.21 29.50 -7.38
C GLU B 99 -3.27 28.40 -7.48
N VAL B 100 -4.52 28.84 -7.43
CA VAL B 100 -5.64 27.97 -7.63
C VAL B 100 -6.79 28.83 -8.15
N GLY B 101 -7.59 28.27 -9.05
CA GLY B 101 -8.75 28.94 -9.57
C GLY B 101 -9.99 28.11 -9.34
N THR B 102 -11.11 28.78 -9.14
CA THR B 102 -12.38 28.10 -9.06
C THR B 102 -13.48 28.97 -9.68
N GLY B 103 -14.62 28.38 -10.02
CA GLY B 103 -15.75 29.12 -10.58
C GLY B 103 -16.33 30.16 -9.63
N ASN B 104 -17.04 31.14 -10.19
CA ASN B 104 -17.70 32.17 -9.37
C ASN B 104 -18.78 31.56 -8.46
N SER B 105 -19.34 30.44 -8.90
CA SER B 105 -20.38 29.72 -8.17
C SER B 105 -19.86 28.78 -7.08
N SER B 106 -18.55 28.54 -7.07
CA SER B 106 -17.95 27.60 -6.12
C SER B 106 -17.69 28.26 -4.77
N VAL B 107 -18.77 28.64 -4.08
CA VAL B 107 -18.68 29.39 -2.82
C VAL B 107 -18.05 28.62 -1.66
N SER B 108 -18.25 27.30 -1.61
CA SER B 108 -17.58 26.48 -0.60
C SER B 108 -16.08 26.46 -0.80
N GLN B 109 -15.66 26.26 -2.05
CA GLN B 109 -14.24 26.31 -2.39
C GLN B 109 -13.64 27.67 -2.07
N LEU B 110 -14.33 28.74 -2.48
CA LEU B 110 -13.89 30.10 -2.17
C LEU B 110 -13.69 30.31 -0.66
N ALA B 111 -14.64 29.84 0.15
CA ALA B 111 -14.47 29.84 1.62
C ALA B 111 -13.26 29.02 2.07
N LEU B 112 -13.16 27.79 1.57
CA LEU B 112 -12.09 26.87 1.94
C LEU B 112 -10.71 27.38 1.56
N TYR B 113 -10.55 27.80 0.32
CA TYR B 113 -9.24 28.26 -0.19
C TYR B 113 -8.69 29.44 0.61
N GLN B 114 -9.58 30.38 0.94
CA GLN B 114 -9.20 31.59 1.67
C GLN B 114 -8.90 31.28 3.13
N LYS B 115 -9.66 30.35 3.70
CA LYS B 115 -9.41 29.90 5.07
C LYS B 115 -8.03 29.23 5.17
N CYS B 116 -7.64 28.57 4.09
CA CYS B 116 -6.32 27.94 3.96
C CYS B 116 -5.19 28.88 3.54
N GLY B 117 -5.52 30.16 3.30
CA GLY B 117 -4.50 31.18 3.06
C GLY B 117 -4.38 31.78 1.65
N PHE B 118 -5.18 31.30 0.70
CA PHE B 118 -5.20 31.86 -0.66
C PHE B 118 -6.02 33.13 -0.70
N ARG B 119 -5.51 34.12 -1.42
CA ARG B 119 -6.18 35.40 -1.59
C ARG B 119 -6.64 35.57 -3.04
N ILE B 120 -7.89 35.97 -3.23
CA ILE B 120 -8.43 36.29 -4.55
C ILE B 120 -7.70 37.50 -5.15
N PHE B 121 -7.20 37.34 -6.38
CA PHE B 121 -6.43 38.41 -7.01
C PHE B 121 -6.92 38.86 -8.39
N SER B 122 -7.66 38.00 -9.09
CA SER B 122 -8.07 38.32 -10.46
C SER B 122 -9.30 37.51 -10.84
N ILE B 123 -9.83 37.80 -12.03
CA ILE B 123 -10.96 37.08 -12.60
C ILE B 123 -10.71 36.82 -14.08
N ASP B 124 -10.88 35.57 -14.51
CA ASP B 124 -10.85 35.22 -15.93
CA ASP B 124 -10.85 35.23 -15.93
C ASP B 124 -12.30 35.15 -16.43
N PHE B 125 -12.78 36.22 -17.03
CA PHE B 125 -14.18 36.25 -17.48
C PHE B 125 -14.53 35.27 -18.57
N ASP B 126 -15.67 34.59 -18.41
CA ASP B 126 -16.22 33.63 -19.40
C ASP B 126 -15.32 32.39 -19.63
N TYR B 127 -14.40 32.15 -18.71
CA TYR B 127 -13.50 30.98 -18.80
C TYR B 127 -14.25 29.67 -19.06
N PHE B 128 -15.26 29.38 -18.24
CA PHE B 128 -16.03 28.12 -18.35
C PHE B 128 -16.85 28.05 -19.62
N SER B 129 -17.32 29.22 -20.08
CA SER B 129 -18.05 29.33 -21.33
C SER B 129 -17.19 29.02 -22.55
N LYS B 130 -15.93 29.46 -22.55
CA LYS B 130 -15.02 29.09 -23.64
C LYS B 130 -14.08 27.91 -23.36
N HIS B 131 -14.51 27.01 -22.47
CA HIS B 131 -13.75 25.80 -22.19
C HIS B 131 -14.63 24.56 -22.21
N TYR B 132 -15.91 24.76 -21.96
CA TYR B 132 -16.90 23.69 -21.89
C TYR B 132 -18.12 24.07 -22.70
N GLU B 133 -18.54 23.17 -23.58
CA GLU B 133 -19.67 23.42 -24.47
C GLU B 133 -20.95 23.68 -23.69
N GLU B 134 -21.24 22.80 -22.72
CA GLU B 134 -22.45 22.85 -21.92
C GLU B 134 -22.30 23.73 -20.68
N GLU B 135 -23.36 24.48 -20.37
CA GLU B 135 -23.44 25.34 -19.19
C GLU B 135 -23.33 24.55 -17.89
N ILE B 136 -22.59 25.12 -16.95
CA ILE B 136 -22.41 24.56 -15.62
C ILE B 136 -23.16 25.43 -14.62
N ILE B 137 -23.94 24.80 -13.75
CA ILE B 137 -24.69 25.50 -12.70
C ILE B 137 -24.39 24.84 -11.36
N GLU B 138 -23.98 25.66 -10.39
CA GLU B 138 -23.76 25.19 -9.03
C GLU B 138 -24.57 26.04 -8.07
N ASN B 139 -25.24 25.40 -7.12
CA ASN B 139 -26.02 26.09 -6.08
C ASN B 139 -26.97 27.15 -6.65
N GLY B 140 -27.47 26.92 -7.86
CA GLY B 140 -28.36 27.87 -8.53
C GLY B 140 -27.67 29.05 -9.21
N ILE B 141 -26.33 29.00 -9.28
CA ILE B 141 -25.54 30.05 -9.94
C ILE B 141 -24.83 29.49 -11.17
N VAL B 142 -24.91 30.21 -12.30
CA VAL B 142 -24.15 29.87 -13.50
C VAL B 142 -22.66 30.03 -13.23
N CYS B 143 -21.92 28.96 -13.47
CA CYS B 143 -20.47 28.95 -13.35
C CYS B 143 -19.91 29.51 -14.65
N ARG B 144 -19.56 30.79 -14.61
CA ARG B 144 -19.25 31.56 -15.80
C ARG B 144 -17.78 31.98 -15.86
N ASP B 145 -17.27 32.46 -14.73
CA ASP B 145 -15.95 33.09 -14.64
C ASP B 145 -15.04 32.34 -13.67
N MSE B 146 -13.75 32.30 -13.97
CA MSE B 146 -12.77 31.73 -13.07
C MSE B 146 -12.24 32.79 -12.12
O MSE B 146 -11.71 33.81 -12.55
CB MSE B 146 -11.62 31.05 -13.81
CG MSE B 146 -10.55 30.54 -12.85
SE MSE B 146 -9.53 29.19 -13.45
CE MSE B 146 -8.47 30.01 -14.61
N ILE B 147 -12.39 32.53 -10.83
CA ILE B 147 -11.84 33.37 -9.77
C ILE B 147 -10.45 32.82 -9.49
N ARG B 148 -9.45 33.68 -9.55
CA ARG B 148 -8.06 33.29 -9.35
C ARG B 148 -7.56 33.67 -7.96
N LEU B 149 -6.95 32.71 -7.28
CA LEU B 149 -6.41 32.97 -5.94
C LEU B 149 -4.94 32.59 -5.87
N ALA B 150 -4.21 33.20 -4.95
CA ALA B 150 -2.80 32.89 -4.80
C ALA B 150 -2.32 33.02 -3.37
N MSE B 151 -1.30 32.23 -3.05
CA MSE B 151 -0.64 32.23 -1.77
C MSE B 151 0.84 32.42 -2.02
O MSE B 151 1.42 31.73 -2.87
CB MSE B 151 -0.88 30.88 -1.11
CG MSE B 151 -0.19 30.67 0.22
SE MSE B 151 -0.45 29.00 0.87
CE MSE B 151 -2.18 28.79 0.53
N GLU B 152 1.45 33.36 -1.31
CA GLU B 152 2.90 33.46 -1.27
C GLU B 152 3.44 32.36 -0.38
N LEU B 153 4.37 31.58 -0.92
CA LEU B 153 5.12 30.59 -0.14
C LEU B 153 6.50 31.18 0.13
N ASN B 154 7.19 30.65 1.13
CA ASN B 154 8.56 31.07 1.43
CA ASN B 154 8.61 31.03 1.30
C ASN B 154 9.45 29.87 1.76
N SER C 4 -1.50 -15.04 -7.89
CA SER C 4 -1.41 -14.23 -9.15
C SER C 4 -0.63 -12.95 -8.92
N VAL C 5 0.23 -12.60 -9.88
CA VAL C 5 1.12 -11.45 -9.79
C VAL C 5 0.61 -10.26 -10.63
N VAL C 6 0.47 -9.09 -10.00
CA VAL C 6 0.15 -7.85 -10.75
C VAL C 6 1.34 -6.92 -10.88
N ILE C 7 1.68 -6.61 -12.13
CA ILE C 7 2.80 -5.72 -12.43
C ILE C 7 2.29 -4.34 -12.78
N GLU C 8 2.87 -3.31 -12.17
CA GLU C 8 2.45 -1.93 -12.42
C GLU C 8 3.61 -0.95 -12.32
N ARG C 9 3.45 0.19 -12.96
CA ARG C 9 4.44 1.26 -12.89
C ARG C 9 4.34 2.04 -11.56
N ILE C 10 5.49 2.42 -11.01
CA ILE C 10 5.55 3.24 -9.80
C ILE C 10 6.40 4.49 -10.07
N PRO C 11 6.15 5.58 -9.32
CA PRO C 11 7.02 6.76 -9.47
C PRO C 11 8.42 6.62 -8.84
N LYS C 12 9.36 7.41 -9.35
CA LYS C 12 10.75 7.52 -8.86
C LYS C 12 10.89 7.53 -7.34
N GLU C 13 9.98 8.24 -6.66
CA GLU C 13 10.12 8.50 -5.23
C GLU C 13 9.44 7.45 -4.35
N ALA C 14 9.00 6.35 -4.98
CA ALA C 14 8.36 5.25 -4.29
C ALA C 14 9.07 3.92 -4.56
N ILE C 15 10.30 3.98 -5.05
CA ILE C 15 11.03 2.77 -5.43
C ILE C 15 11.33 1.87 -4.22
N PRO C 16 11.15 0.54 -4.39
CA PRO C 16 11.65 -0.40 -3.40
C PRO C 16 13.17 -0.60 -3.47
N LYS C 17 13.93 0.33 -2.88
CA LYS C 17 15.40 0.20 -2.82
CA LYS C 17 15.40 0.21 -2.80
C LYS C 17 15.75 -1.15 -2.22
N SER C 18 14.91 -1.60 -1.29
CA SER C 18 15.02 -2.88 -0.60
C SER C 18 15.22 -4.06 -1.56
N LEU C 19 14.33 -4.16 -2.54
CA LEU C 19 14.37 -5.26 -3.50
C LEU C 19 15.40 -5.02 -4.60
N LEU C 20 15.62 -3.74 -4.92
CA LEU C 20 16.65 -3.33 -5.86
C LEU C 20 18.07 -3.56 -5.31
N LEU C 21 18.20 -3.57 -3.99
CA LEU C 21 19.48 -3.83 -3.32
C LEU C 21 19.83 -5.31 -3.41
N LEU C 22 18.80 -6.12 -3.61
CA LEU C 22 18.94 -7.56 -3.78
C LEU C 22 19.73 -7.87 -5.04
N ALA C 23 19.52 -7.06 -6.07
CA ALA C 23 20.18 -7.22 -7.36
C ALA C 23 21.43 -6.35 -7.49
N ASP C 24 21.43 -5.20 -6.82
CA ASP C 24 22.49 -4.21 -6.98
C ASP C 24 22.84 -3.60 -5.60
N PRO C 25 23.94 -4.07 -4.99
CA PRO C 25 24.32 -3.74 -3.60
C PRO C 25 24.66 -2.28 -3.32
N SER C 26 24.73 -1.44 -4.33
CA SER C 26 25.06 -0.04 -4.10
C SER C 26 23.85 0.87 -4.29
N GLU C 27 23.53 1.63 -3.25
CA GLU C 27 22.40 2.57 -3.28
C GLU C 27 22.66 3.72 -4.25
N ARG C 28 23.91 4.18 -4.30
CA ARG C 28 24.25 5.29 -5.21
C ARG C 28 24.25 4.87 -6.69
N GLN C 29 24.59 3.61 -6.96
CA GLN C 29 24.44 3.02 -8.30
C GLN C 29 22.97 2.96 -8.69
N ILE C 30 22.13 2.45 -7.78
CA ILE C 30 20.69 2.37 -8.00
C ILE C 30 20.16 3.75 -8.34
N ALA C 31 20.56 4.75 -7.54
CA ALA C 31 20.01 6.10 -7.62
C ALA C 31 20.11 6.70 -9.02
N THR C 32 21.28 6.60 -9.64
CA THR C 32 21.50 7.23 -10.93
C THR C 32 20.53 6.71 -12.00
N TYR C 33 20.42 5.39 -12.16
CA TYR C 33 19.47 4.83 -13.12
C TYR C 33 17.97 4.92 -12.80
N VAL C 34 17.58 4.97 -11.52
CA VAL C 34 16.15 5.12 -11.19
C VAL C 34 15.66 6.55 -11.47
N GLN C 35 16.57 7.51 -11.42
CA GLN C 35 16.24 8.90 -11.69
C GLN C 35 16.05 9.15 -13.18
N ARG C 36 16.81 8.42 -14.00
CA ARG C 36 16.72 8.59 -15.46
C ARG C 36 15.69 7.65 -16.11
N GLY C 37 15.33 6.56 -15.43
CA GLY C 37 14.58 5.47 -16.05
C GLY C 37 13.20 5.16 -15.47
N LEU C 38 12.69 3.99 -15.84
CA LEU C 38 11.30 3.63 -15.54
C LEU C 38 11.26 2.36 -14.70
N THR C 39 10.63 2.47 -13.53
CA THR C 39 10.54 1.38 -12.58
C THR C 39 9.13 0.75 -12.55
N TYR C 40 9.10 -0.57 -12.57
CA TYR C 40 7.85 -1.31 -12.47
C TYR C 40 7.95 -2.28 -11.31
N VAL C 41 6.86 -2.50 -10.58
CA VAL C 41 6.87 -3.49 -9.50
C VAL C 41 5.89 -4.63 -9.74
N ALA C 42 6.18 -5.78 -9.15
CA ALA C 42 5.25 -6.91 -9.09
C ALA C 42 4.71 -7.02 -7.66
N LYS C 43 3.39 -7.18 -7.55
CA LYS C 43 2.74 -7.35 -6.24
C LYS C 43 2.06 -8.71 -6.17
N GLN C 44 2.14 -9.36 -5.00
CA GLN C 44 1.54 -10.68 -4.76
C GLN C 44 1.52 -11.02 -3.27
N GLY C 45 0.34 -11.36 -2.76
CA GLY C 45 0.19 -11.78 -1.37
C GLY C 45 0.25 -10.64 -0.37
N GLY C 46 -0.10 -9.44 -0.81
CA GLY C 46 -0.14 -8.27 0.06
C GLY C 46 1.05 -7.32 0.00
N SER C 47 2.09 -7.66 -0.77
CA SER C 47 3.28 -6.83 -0.81
C SER C 47 4.01 -6.83 -2.15
N VAL C 48 4.94 -5.88 -2.31
CA VAL C 48 5.81 -5.81 -3.48
C VAL C 48 6.90 -6.89 -3.40
N ILE C 49 6.90 -7.77 -4.38
CA ILE C 49 7.75 -8.96 -4.38
C ILE C 49 8.67 -9.08 -5.63
N GLY C 50 8.51 -8.14 -6.55
CA GLY C 50 9.31 -8.07 -7.76
C GLY C 50 9.48 -6.63 -8.20
N VAL C 51 10.52 -6.38 -9.00
CA VAL C 51 10.82 -5.05 -9.52
C VAL C 51 11.74 -5.17 -10.72
N TYR C 52 11.61 -4.25 -11.66
CA TYR C 52 12.60 -4.04 -12.71
C TYR C 52 12.66 -2.55 -13.10
N VAL C 53 13.81 -2.12 -13.60
CA VAL C 53 14.04 -0.75 -14.05
C VAL C 53 14.49 -0.80 -15.50
N LEU C 54 13.83 0.00 -16.33
CA LEU C 54 14.22 0.19 -17.73
C LEU C 54 14.88 1.54 -17.90
N LEU C 55 15.97 1.56 -18.68
CA LEU C 55 16.64 2.79 -19.04
C LEU C 55 16.79 2.83 -20.55
N GLU C 56 16.47 3.96 -21.16
CA GLU C 56 16.71 4.21 -22.58
C GLU C 56 18.17 4.61 -22.74
N THR C 57 18.91 3.85 -23.54
CA THR C 57 20.36 4.05 -23.62
C THR C 57 20.81 4.57 -24.98
N ARG C 58 21.36 3.69 -25.81
CA ARG C 58 21.66 3.98 -27.20
C ARG C 58 20.34 4.17 -27.97
N PRO C 59 20.39 4.73 -29.19
CA PRO C 59 19.15 4.98 -29.94
C PRO C 59 18.27 3.73 -30.03
N LYS C 60 16.97 3.91 -29.75
CA LYS C 60 15.95 2.84 -29.89
C LYS C 60 16.26 1.62 -29.02
N THR C 61 17.10 1.81 -28.01
CA THR C 61 17.51 0.75 -27.11
C THR C 61 17.07 1.05 -25.68
N MSE C 62 16.44 0.07 -25.04
CA MSE C 62 16.29 0.08 -23.60
C MSE C 62 17.15 -1.02 -22.95
O MSE C 62 17.43 -2.05 -23.59
CB MSE C 62 14.81 -0.04 -23.18
CG MSE C 62 14.09 1.31 -23.10
SE MSE C 62 12.31 1.28 -22.76
CE MSE C 62 12.03 3.03 -22.68
N GLU C 63 17.57 -0.78 -21.72
CA GLU C 63 18.26 -1.78 -20.95
C GLU C 63 17.55 -2.02 -19.62
N ILE C 64 17.44 -3.29 -19.24
CA ILE C 64 17.00 -3.68 -17.90
C ILE C 64 18.19 -3.50 -16.95
N MSE C 65 18.16 -2.42 -16.17
CA MSE C 65 19.30 -2.05 -15.33
C MSE C 65 19.33 -2.80 -14.02
O MSE C 65 20.38 -2.90 -13.37
CB MSE C 65 19.29 -0.55 -15.05
CG MSE C 65 19.52 0.35 -16.28
SE MSE C 65 21.03 0.03 -17.20
CE MSE C 65 22.27 0.15 -15.92
N ASN C 66 18.17 -3.31 -13.62
CA ASN C 66 18.00 -4.01 -12.36
C ASN C 66 16.73 -4.80 -12.53
N ILE C 67 16.77 -6.05 -12.09
CA ILE C 67 15.59 -6.90 -12.03
C ILE C 67 15.73 -7.80 -10.81
N ALA C 68 14.72 -7.83 -9.95
CA ALA C 68 14.80 -8.50 -8.67
C ALA C 68 13.48 -9.10 -8.25
N VAL C 69 13.56 -10.29 -7.65
CA VAL C 69 12.45 -11.03 -7.11
C VAL C 69 12.82 -11.34 -5.65
N ALA C 70 11.83 -11.24 -4.75
CA ALA C 70 12.03 -11.62 -3.36
C ALA C 70 12.57 -13.04 -3.26
N GLU C 71 13.61 -13.18 -2.45
CA GLU C 71 14.43 -14.39 -2.28
C GLU C 71 13.62 -15.67 -2.02
N HIS C 72 12.58 -15.55 -1.21
CA HIS C 72 11.74 -16.69 -0.86
C HIS C 72 10.71 -17.03 -1.96
N LEU C 73 10.59 -16.15 -2.95
CA LEU C 73 9.64 -16.34 -4.06
C LEU C 73 10.32 -16.65 -5.39
N GLN C 74 11.65 -16.76 -5.36
CA GLN C 74 12.43 -17.02 -6.58
C GLN C 74 12.20 -18.44 -7.12
N GLY C 75 12.37 -18.61 -8.44
CA GLY C 75 12.06 -19.88 -9.11
C GLY C 75 10.62 -20.31 -9.00
N LYS C 76 9.69 -19.35 -9.08
CA LYS C 76 8.26 -19.64 -9.10
C LYS C 76 7.58 -18.88 -10.25
N GLY C 77 8.38 -18.51 -11.25
CA GLY C 77 7.86 -17.93 -12.49
C GLY C 77 7.69 -16.43 -12.50
N ILE C 78 8.03 -15.77 -11.40
CA ILE C 78 7.90 -14.31 -11.29
C ILE C 78 8.97 -13.59 -12.12
N GLY C 79 10.21 -14.09 -12.07
CA GLY C 79 11.30 -13.56 -12.90
C GLY C 79 10.88 -13.53 -14.36
N LYS C 80 10.39 -14.67 -14.84
CA LYS C 80 9.85 -14.81 -16.19
C LYS C 80 8.73 -13.81 -16.50
N LYS C 81 7.86 -13.56 -15.52
CA LYS C 81 6.74 -12.63 -15.70
C LYS C 81 7.17 -11.18 -15.85
N LEU C 82 8.14 -10.74 -15.04
CA LEU C 82 8.68 -9.38 -15.10
C LEU C 82 9.37 -9.12 -16.43
N LEU C 83 10.05 -10.16 -16.91
CA LEU C 83 10.86 -10.10 -18.11
C LEU C 83 9.97 -9.93 -19.33
N ARG C 84 8.92 -10.76 -19.41
CA ARG C 84 7.94 -10.66 -20.49
C ARG C 84 7.27 -9.29 -20.49
N HIS C 85 7.02 -8.75 -19.30
CA HIS C 85 6.47 -7.40 -19.16
C HIS C 85 7.45 -6.34 -19.66
N ALA C 86 8.71 -6.46 -19.28
CA ALA C 86 9.77 -5.58 -19.77
C ALA C 86 9.81 -5.49 -21.29
N VAL C 87 9.85 -6.64 -21.98
CA VAL C 87 9.91 -6.62 -23.45
C VAL C 87 8.68 -5.94 -24.05
N GLU C 88 7.52 -6.18 -23.45
CA GLU C 88 6.26 -5.58 -23.88
C GLU C 88 6.24 -4.07 -23.67
N THR C 89 6.70 -3.63 -22.50
CA THR C 89 6.84 -2.21 -22.18
C THR C 89 7.77 -1.50 -23.17
N ALA C 90 8.87 -2.14 -23.49
CA ALA C 90 9.88 -1.58 -24.39
C ALA C 90 9.41 -1.54 -25.85
N LYS C 91 8.63 -2.54 -26.27
CA LYS C 91 7.97 -2.49 -27.58
C LYS C 91 7.04 -1.30 -27.61
N GLY C 92 6.25 -1.17 -26.54
CA GLY C 92 5.35 -0.04 -26.32
C GLY C 92 5.98 1.32 -26.56
N TYR C 93 7.21 1.50 -26.07
CA TYR C 93 7.96 2.76 -26.28
C TYR C 93 8.57 2.91 -27.68
N GLY C 94 8.38 1.90 -28.52
CA GLY C 94 8.90 1.94 -29.88
C GLY C 94 10.38 1.61 -29.99
N MSE C 95 10.93 0.98 -28.95
CA MSE C 95 12.31 0.48 -28.99
C MSE C 95 12.43 -0.69 -29.95
O MSE C 95 11.47 -1.44 -30.18
CB MSE C 95 12.81 0.06 -27.58
CG MSE C 95 12.74 1.13 -26.49
SE MSE C 95 13.56 2.65 -26.96
CE MSE C 95 14.43 3.08 -25.52
N SER C 96 13.62 -0.85 -30.54
CA SER C 96 13.91 -1.99 -31.39
C SER C 96 14.88 -3.00 -30.74
N LYS C 97 15.61 -2.58 -29.71
CA LYS C 97 16.55 -3.44 -28.99
C LYS C 97 16.32 -3.40 -27.48
N LEU C 98 16.34 -4.57 -26.84
CA LEU C 98 16.32 -4.66 -25.38
C LEU C 98 17.57 -5.38 -24.85
N GLU C 99 18.24 -4.75 -23.89
CA GLU C 99 19.48 -5.30 -23.31
C GLU C 99 19.38 -5.56 -21.82
N VAL C 100 20.17 -6.52 -21.38
CA VAL C 100 20.27 -6.87 -19.97
C VAL C 100 21.69 -7.39 -19.72
N GLY C 101 22.28 -6.99 -18.61
CA GLY C 101 23.56 -7.55 -18.17
C GLY C 101 23.37 -8.36 -16.91
N THR C 102 24.21 -9.38 -16.74
CA THR C 102 24.30 -10.13 -15.49
C THR C 102 25.75 -10.60 -15.27
N GLY C 103 26.10 -10.93 -14.03
CA GLY C 103 27.44 -11.41 -13.72
C GLY C 103 27.71 -12.80 -14.28
N ASN C 104 28.99 -13.10 -14.45
CA ASN C 104 29.43 -14.39 -14.98
C ASN C 104 28.97 -15.56 -14.12
N SER C 105 28.82 -15.29 -12.82
CA SER C 105 28.38 -16.27 -11.83
C SER C 105 26.87 -16.49 -11.82
N SER C 106 26.11 -15.55 -12.42
CA SER C 106 24.65 -15.60 -12.38
C SER C 106 24.11 -16.54 -13.42
N VAL C 107 24.46 -17.81 -13.25
CA VAL C 107 24.25 -18.82 -14.29
C VAL C 107 22.78 -19.12 -14.53
N SER C 108 21.98 -19.14 -13.46
CA SER C 108 20.56 -19.40 -13.61
C SER C 108 19.80 -18.21 -14.26
N GLN C 109 20.31 -17.00 -14.10
CA GLN C 109 19.83 -15.85 -14.87
C GLN C 109 20.25 -15.93 -16.32
N LEU C 110 21.48 -16.39 -16.56
CA LEU C 110 21.97 -16.67 -17.91
C LEU C 110 21.04 -17.64 -18.67
N ALA C 111 20.60 -18.70 -18.00
CA ALA C 111 19.58 -19.60 -18.54
C ALA C 111 18.21 -18.91 -18.75
N LEU C 112 17.73 -18.18 -17.75
CA LEU C 112 16.42 -17.50 -17.84
C LEU C 112 16.35 -16.52 -19.00
N TYR C 113 17.30 -15.60 -19.04
CA TYR C 113 17.33 -14.58 -20.09
C TYR C 113 17.33 -15.21 -21.48
N GLN C 114 18.14 -16.26 -21.66
CA GLN C 114 18.24 -16.94 -22.94
C GLN C 114 16.95 -17.69 -23.29
N LYS C 115 16.31 -18.28 -22.29
CA LYS C 115 15.00 -18.91 -22.48
C LYS C 115 13.99 -17.90 -22.97
N CYS C 116 14.13 -16.65 -22.50
CA CYS C 116 13.21 -15.57 -22.84
C CYS C 116 13.53 -14.81 -24.14
N GLY C 117 14.50 -15.27 -24.93
CA GLY C 117 14.86 -14.63 -26.19
C GLY C 117 16.15 -13.82 -26.23
N PHE C 118 16.78 -13.59 -25.09
CA PHE C 118 18.05 -12.86 -25.03
C PHE C 118 19.24 -13.69 -25.52
N ARG C 119 20.11 -13.04 -26.27
CA ARG C 119 21.33 -13.66 -26.78
C ARG C 119 22.59 -13.01 -26.19
N ILE C 120 23.50 -13.83 -25.68
CA ILE C 120 24.79 -13.34 -25.16
C ILE C 120 25.65 -12.82 -26.32
N PHE C 121 26.12 -11.58 -26.21
CA PHE C 121 26.92 -10.94 -27.27
C PHE C 121 28.24 -10.31 -26.80
N SER C 122 28.37 -10.01 -25.51
CA SER C 122 29.54 -9.30 -25.02
C SER C 122 29.86 -9.51 -23.54
N ILE C 123 31.12 -9.26 -23.20
CA ILE C 123 31.59 -9.31 -21.82
C ILE C 123 32.26 -7.97 -21.46
N ASP C 124 31.79 -7.38 -20.37
CA ASP C 124 32.43 -6.25 -19.75
C ASP C 124 33.33 -6.79 -18.62
N PHE C 125 34.63 -6.90 -18.89
CA PHE C 125 35.57 -7.48 -17.92
C PHE C 125 35.79 -6.60 -16.69
N ASP C 126 35.85 -7.24 -15.54
CA ASP C 126 36.11 -6.60 -14.24
C ASP C 126 35.08 -5.52 -13.86
N TYR C 127 33.88 -5.62 -14.41
CA TYR C 127 32.84 -4.64 -14.13
C TYR C 127 32.55 -4.54 -12.62
N PHE C 128 32.42 -5.68 -11.95
CA PHE C 128 31.99 -5.71 -10.55
C PHE C 128 33.08 -5.30 -9.59
N SER C 129 34.32 -5.67 -9.92
CA SER C 129 35.49 -5.27 -9.14
C SER C 129 35.57 -3.75 -9.06
N LYS C 130 35.31 -3.10 -10.19
CA LYS C 130 35.47 -1.65 -10.25
C LYS C 130 34.22 -0.83 -9.90
N HIS C 131 33.06 -1.47 -9.82
CA HIS C 131 31.84 -0.80 -9.37
C HIS C 131 31.53 -0.99 -7.89
N TYR C 132 31.97 -2.11 -7.33
CA TYR C 132 31.73 -2.41 -5.92
C TYR C 132 33.03 -2.65 -5.17
N GLU C 133 33.08 -2.17 -3.93
CA GLU C 133 34.23 -2.38 -3.07
C GLU C 133 34.31 -3.83 -2.59
N GLU C 134 33.20 -4.37 -2.08
CA GLU C 134 33.12 -5.75 -1.61
C GLU C 134 32.94 -6.76 -2.74
N GLU C 135 33.76 -7.82 -2.73
CA GLU C 135 33.71 -8.91 -3.70
C GLU C 135 32.38 -9.68 -3.61
N ILE C 136 31.86 -10.10 -4.76
CA ILE C 136 30.61 -10.87 -4.83
C ILE C 136 30.92 -12.31 -5.26
N ILE C 137 30.49 -13.27 -4.43
CA ILE C 137 30.60 -14.70 -4.74
C ILE C 137 29.20 -15.29 -4.83
N GLU C 138 29.01 -16.22 -5.76
CA GLU C 138 27.68 -16.74 -6.04
C GLU C 138 27.81 -18.12 -6.65
N ASN C 139 27.40 -19.14 -5.90
CA ASN C 139 27.54 -20.56 -6.29
C ASN C 139 28.99 -20.98 -6.33
N GLY C 140 29.82 -20.39 -5.47
CA GLY C 140 31.26 -20.66 -5.47
C GLY C 140 32.04 -20.00 -6.60
N ILE C 141 31.35 -19.19 -7.41
CA ILE C 141 31.98 -18.44 -8.50
C ILE C 141 32.05 -16.95 -8.14
N VAL C 142 33.23 -16.35 -8.32
CA VAL C 142 33.39 -14.90 -8.15
C VAL C 142 32.71 -14.15 -9.31
N CYS C 143 31.82 -13.24 -8.96
CA CYS C 143 31.16 -12.36 -9.90
C CYS C 143 32.12 -11.24 -10.25
N ARG C 144 32.80 -11.40 -11.38
CA ARG C 144 33.86 -10.49 -11.78
C ARG C 144 33.45 -9.65 -12.99
N ASP C 145 32.78 -10.29 -13.95
CA ASP C 145 32.56 -9.70 -15.26
C ASP C 145 31.07 -9.54 -15.54
N MSE C 146 30.70 -8.54 -16.32
CA MSE C 146 29.32 -8.42 -16.76
C MSE C 146 29.14 -9.08 -18.12
O MSE C 146 29.80 -8.73 -19.10
CB MSE C 146 28.84 -6.96 -16.74
CG MSE C 146 27.33 -6.76 -16.93
SE MSE C 146 26.25 -7.21 -15.52
CE MSE C 146 26.19 -5.66 -14.62
N ILE C 147 28.27 -10.07 -18.16
CA ILE C 147 27.85 -10.69 -19.40
C ILE C 147 26.68 -9.88 -19.96
N ARG C 148 26.86 -9.39 -21.18
CA ARG C 148 25.87 -8.53 -21.85
CA ARG C 148 25.84 -8.55 -21.80
C ARG C 148 25.02 -9.37 -22.79
N LEU C 149 23.70 -9.17 -22.73
CA LEU C 149 22.76 -9.88 -23.57
C LEU C 149 21.80 -8.89 -24.23
N ALA C 150 21.26 -9.28 -25.38
CA ALA C 150 20.35 -8.42 -26.11
C ALA C 150 19.32 -9.23 -26.88
N MSE C 151 18.15 -8.64 -27.08
CA MSE C 151 17.17 -9.18 -28.02
C MSE C 151 16.61 -8.08 -28.91
O MSE C 151 16.54 -6.89 -28.52
CB MSE C 151 16.06 -9.96 -27.30
CG MSE C 151 15.16 -9.17 -26.37
SE MSE C 151 13.50 -9.89 -26.26
CE MSE C 151 13.78 -11.22 -25.14
N GLU C 152 16.22 -8.46 -30.13
CA GLU C 152 15.57 -7.54 -31.06
C GLU C 152 14.07 -7.61 -30.82
N LEU C 153 13.42 -6.44 -30.74
CA LEU C 153 11.98 -6.39 -30.46
C LEU C 153 11.15 -6.29 -31.74
N ASN D 1 10.25 10.77 1.40
CA ASN D 1 9.20 10.46 2.42
C ASN D 1 8.16 9.40 1.98
N ALA D 2 7.93 9.28 0.67
CA ALA D 2 7.17 8.15 0.08
C ALA D 2 8.03 6.88 0.05
N MSE D 3 9.32 7.04 0.30
CA MSE D 3 10.13 5.88 0.64
C MSE D 3 10.76 5.93 2.03
O MSE D 3 11.88 5.47 2.24
CB MSE D 3 11.14 5.53 -0.45
CG MSE D 3 11.89 6.66 -1.04
SE MSE D 3 12.33 6.07 -2.65
CE MSE D 3 13.50 7.34 -3.11
N SER D 4 10.02 6.50 2.96
CA SER D 4 10.24 6.25 4.37
C SER D 4 9.74 4.84 4.64
N VAL D 5 10.37 4.17 5.60
CA VAL D 5 9.91 2.87 6.06
C VAL D 5 8.53 3.00 6.72
N VAL D 6 7.63 2.08 6.41
CA VAL D 6 6.29 2.04 7.01
C VAL D 6 6.17 0.76 7.83
N ILE D 7 5.78 0.88 9.09
CA ILE D 7 5.62 -0.28 9.97
C ILE D 7 4.17 -0.41 10.42
N GLU D 8 3.51 -1.47 9.95
CA GLU D 8 2.10 -1.62 10.20
C GLU D 8 1.80 -3.04 10.68
N ARG D 9 0.80 -3.14 11.55
CA ARG D 9 0.26 -4.40 12.04
C ARG D 9 -0.30 -5.22 10.86
N ILE D 10 0.01 -6.50 10.83
CA ILE D 10 -0.54 -7.40 9.81
C ILE D 10 -1.47 -8.44 10.44
N PRO D 11 -2.46 -8.95 9.67
CA PRO D 11 -3.25 -10.04 10.22
C PRO D 11 -2.45 -11.36 10.31
N LYS D 12 -2.74 -12.16 11.33
CA LYS D 12 -2.03 -13.42 11.61
C LYS D 12 -1.68 -14.23 10.37
N GLU D 13 -2.66 -14.30 9.46
CA GLU D 13 -2.58 -15.08 8.24
C GLU D 13 -1.45 -14.60 7.31
N ALA D 14 -1.09 -13.32 7.39
CA ALA D 14 -0.15 -12.73 6.44
C ALA D 14 1.31 -12.63 6.94
N ILE D 15 1.69 -13.44 7.93
CA ILE D 15 3.07 -13.35 8.46
C ILE D 15 4.18 -13.59 7.42
N PRO D 16 5.28 -12.79 7.49
CA PRO D 16 6.45 -13.11 6.67
C PRO D 16 7.20 -14.30 7.24
N LYS D 17 6.70 -15.49 6.93
CA LYS D 17 7.18 -16.75 7.52
C LYS D 17 8.68 -16.96 7.46
N SER D 18 9.28 -16.73 6.28
CA SER D 18 10.71 -16.94 6.07
C SER D 18 11.55 -15.97 6.89
N LEU D 19 11.05 -14.74 7.01
CA LEU D 19 11.70 -13.70 7.81
C LEU D 19 11.67 -14.06 9.31
N LEU D 20 10.56 -14.64 9.76
CA LEU D 20 10.42 -15.07 11.14
C LEU D 20 11.30 -16.29 11.47
N LEU D 21 11.46 -17.17 10.49
CA LEU D 21 12.32 -18.36 10.61
C LEU D 21 13.80 -18.02 10.76
N LEU D 22 14.22 -16.90 10.18
CA LEU D 22 15.56 -16.34 10.35
C LEU D 22 15.88 -16.16 11.82
N ALA D 23 14.90 -15.62 12.55
CA ALA D 23 15.04 -15.30 13.96
C ALA D 23 14.83 -16.51 14.90
N ASP D 24 13.90 -17.40 14.51
CA ASP D 24 13.45 -18.51 15.35
C ASP D 24 13.13 -19.69 14.43
N PRO D 25 14.04 -20.68 14.36
CA PRO D 25 13.97 -21.81 13.43
C PRO D 25 12.74 -22.73 13.56
N SER D 26 11.89 -22.52 14.57
CA SER D 26 10.75 -23.41 14.83
C SER D 26 9.40 -22.84 14.38
N GLU D 27 8.82 -23.45 13.36
CA GLU D 27 7.49 -23.08 12.89
C GLU D 27 6.42 -23.21 13.98
N ARG D 28 6.44 -24.31 14.72
N ARG D 28 6.46 -24.34 14.68
CA ARG D 28 5.45 -24.51 15.78
CA ARG D 28 5.60 -24.63 15.82
C ARG D 28 5.54 -23.42 16.85
C ARG D 28 5.58 -23.45 16.80
N GLN D 29 6.76 -23.09 17.28
CA GLN D 29 6.96 -22.00 18.24
C GLN D 29 6.58 -20.61 17.73
N ILE D 30 6.80 -20.34 16.45
CA ILE D 30 6.35 -19.09 15.83
C ILE D 30 4.82 -19.01 15.89
N ALA D 31 4.16 -20.10 15.51
CA ALA D 31 2.69 -20.16 15.47
C ALA D 31 2.06 -19.80 16.81
N THR D 32 2.68 -20.26 17.89
CA THR D 32 2.17 -20.01 19.25
C THR D 32 2.15 -18.52 19.61
N TYR D 33 3.27 -17.83 19.42
CA TYR D 33 3.27 -16.40 19.77
C TYR D 33 2.60 -15.47 18.76
N VAL D 34 2.59 -15.80 17.46
CA VAL D 34 1.77 -14.98 16.54
C VAL D 34 0.26 -15.14 16.77
N GLN D 35 -0.17 -16.34 17.15
CA GLN D 35 -1.58 -16.57 17.52
C GLN D 35 -2.05 -15.78 18.76
N ARG D 36 -1.17 -15.67 19.76
CA ARG D 36 -1.45 -14.91 20.96
C ARG D 36 -1.00 -13.44 20.85
N GLY D 37 -0.05 -13.17 19.95
CA GLY D 37 0.57 -11.85 19.88
C GLY D 37 0.16 -10.95 18.72
N LEU D 38 0.91 -9.86 18.58
CA LEU D 38 0.62 -8.78 17.64
C LEU D 38 1.82 -8.64 16.73
N THR D 39 1.60 -8.86 15.43
CA THR D 39 2.68 -8.88 14.48
C THR D 39 2.72 -7.63 13.62
N TYR D 40 3.91 -7.05 13.52
CA TYR D 40 4.14 -5.83 12.77
C TYR D 40 5.20 -6.05 11.70
N VAL D 41 4.90 -5.68 10.46
CA VAL D 41 5.96 -5.71 9.45
C VAL D 41 6.39 -4.31 9.00
N ALA D 42 7.69 -4.16 8.76
CA ALA D 42 8.26 -2.99 8.14
C ALA D 42 8.31 -3.20 6.64
N LYS D 43 7.83 -2.21 5.90
CA LYS D 43 7.92 -2.20 4.44
C LYS D 43 8.64 -0.95 4.00
N GLN D 44 9.28 -1.03 2.84
CA GLN D 44 9.85 0.13 2.19
C GLN D 44 9.57 0.00 0.70
N GLY D 45 8.92 1.01 0.13
CA GLY D 45 8.40 0.91 -1.23
C GLY D 45 7.47 -0.28 -1.48
N GLY D 46 6.71 -0.68 -0.45
CA GLY D 46 5.74 -1.78 -0.55
C GLY D 46 6.32 -3.16 -0.34
N SER D 47 7.63 -3.21 -0.16
CA SER D 47 8.37 -4.45 -0.03
C SER D 47 8.77 -4.73 1.43
N VAL D 48 8.50 -5.96 1.89
CA VAL D 48 8.80 -6.38 3.27
C VAL D 48 10.31 -6.39 3.56
N ILE D 49 10.70 -5.71 4.64
CA ILE D 49 12.12 -5.58 4.99
C ILE D 49 12.43 -6.01 6.42
N GLY D 50 11.38 -6.25 7.21
CA GLY D 50 11.52 -6.47 8.62
C GLY D 50 10.22 -6.88 9.26
N VAL D 51 10.31 -7.39 10.49
CA VAL D 51 9.16 -7.89 11.23
C VAL D 51 9.47 -7.92 12.73
N TYR D 52 8.43 -7.73 13.54
CA TYR D 52 8.51 -8.04 14.97
C TYR D 52 7.14 -8.51 15.49
N VAL D 53 7.17 -9.38 16.49
CA VAL D 53 5.99 -9.87 17.17
C VAL D 53 6.05 -9.41 18.63
N LEU D 54 4.95 -8.82 19.11
CA LEU D 54 4.82 -8.46 20.49
C LEU D 54 3.88 -9.43 21.18
N LEU D 55 4.24 -9.84 22.39
CA LEU D 55 3.37 -10.68 23.22
C LEU D 55 3.21 -10.07 24.60
N GLU D 56 1.97 -9.85 25.02
CA GLU D 56 1.70 -9.45 26.39
C GLU D 56 1.86 -10.67 27.32
N THR D 57 2.70 -10.52 28.33
CA THR D 57 3.12 -11.63 29.17
C THR D 57 2.65 -11.37 30.62
N ARG D 58 3.59 -10.94 31.46
N ARG D 58 3.59 -10.94 31.47
CA ARG D 58 3.29 -10.51 32.82
CA ARG D 58 3.24 -10.56 32.83
C ARG D 58 2.41 -9.26 32.79
C ARG D 58 2.43 -9.26 32.80
N PRO D 59 1.80 -8.88 33.94
CA PRO D 59 0.98 -7.65 33.93
C PRO D 59 1.77 -6.43 33.42
N LYS D 60 1.14 -5.65 32.53
CA LYS D 60 1.73 -4.43 31.94
C LYS D 60 3.09 -4.68 31.29
N THR D 61 3.34 -5.92 30.88
CA THR D 61 4.56 -6.29 30.21
C THR D 61 4.28 -6.83 28.81
N MSE D 62 4.97 -6.26 27.81
CA MSE D 62 5.09 -6.90 26.51
C MSE D 62 6.53 -7.39 26.26
O MSE D 62 7.51 -6.79 26.74
CB MSE D 62 4.60 -5.99 25.37
CG MSE D 62 3.06 -6.08 25.11
SE MSE D 62 2.48 -4.87 23.93
CE MSE D 62 0.72 -5.15 24.02
N GLU D 63 6.63 -8.49 25.53
CA GLU D 63 7.93 -8.99 25.13
C GLU D 63 8.00 -9.05 23.61
N ILE D 64 9.18 -8.70 23.07
CA ILE D 64 9.46 -8.90 21.65
C ILE D 64 9.89 -10.36 21.44
N MSE D 65 9.02 -11.16 20.84
CA MSE D 65 9.23 -12.60 20.74
C MSE D 65 10.04 -12.97 19.52
O MSE D 65 10.60 -14.08 19.45
CB MSE D 65 7.89 -13.35 20.73
CG MSE D 65 7.07 -13.24 22.05
SE MSE D 65 7.91 -13.70 23.59
CE MSE D 65 8.53 -15.32 23.13
N ASN D 66 10.08 -12.05 18.56
CA ASN D 66 10.74 -12.27 17.29
C ASN D 66 10.94 -10.91 16.72
N ILE D 67 12.12 -10.71 16.14
CA ILE D 67 12.47 -9.48 15.45
C ILE D 67 13.48 -9.91 14.38
N ALA D 68 13.24 -9.52 13.13
CA ALA D 68 14.06 -9.95 12.00
C ALA D 68 14.08 -8.91 10.89
N VAL D 69 15.24 -8.78 10.26
CA VAL D 69 15.47 -7.88 9.14
C VAL D 69 15.83 -8.74 7.94
N ALA D 70 15.42 -8.34 6.75
CA ALA D 70 15.76 -9.07 5.52
C ALA D 70 17.27 -9.30 5.46
N GLU D 71 17.69 -10.50 5.07
CA GLU D 71 19.11 -10.91 5.12
C GLU D 71 20.09 -9.97 4.43
N HIS D 72 19.72 -9.47 3.25
CA HIS D 72 20.59 -8.58 2.49
C HIS D 72 20.59 -7.13 2.97
N LEU D 73 19.79 -6.84 4.01
CA LEU D 73 19.54 -5.46 4.44
C LEU D 73 20.10 -5.10 5.81
N GLN D 74 20.99 -5.93 6.32
CA GLN D 74 21.59 -5.68 7.62
C GLN D 74 22.66 -4.60 7.54
N GLY D 75 22.87 -3.89 8.64
CA GLY D 75 23.73 -2.71 8.65
C GLY D 75 23.06 -1.43 8.18
N LYS D 76 21.77 -1.50 7.89
CA LYS D 76 21.07 -0.37 7.27
C LYS D 76 20.18 0.39 8.26
N GLY D 77 20.27 0.08 9.55
CA GLY D 77 19.54 0.83 10.57
C GLY D 77 18.09 0.43 10.79
N ILE D 78 17.72 -0.76 10.29
CA ILE D 78 16.32 -1.22 10.35
C ILE D 78 15.94 -1.86 11.70
N GLY D 79 16.85 -2.64 12.29
CA GLY D 79 16.65 -3.17 13.65
C GLY D 79 16.28 -2.06 14.63
N LYS D 80 17.04 -0.97 14.58
CA LYS D 80 16.76 0.22 15.39
C LYS D 80 15.35 0.78 15.11
N LYS D 81 14.95 0.81 13.85
CA LYS D 81 13.60 1.26 13.49
C LYS D 81 12.49 0.36 14.02
N LEU D 82 12.70 -0.95 13.93
CA LEU D 82 11.76 -1.92 14.44
C LEU D 82 11.63 -1.79 15.96
N LEU D 83 12.77 -1.69 16.63
CA LEU D 83 12.81 -1.50 18.09
C LEU D 83 12.10 -0.24 18.58
N ARG D 84 12.40 0.90 17.94
N ARG D 84 12.37 0.90 17.95
CA ARG D 84 11.77 2.18 18.27
CA ARG D 84 11.75 2.16 18.35
C ARG D 84 10.25 2.08 18.20
C ARG D 84 10.22 2.15 18.17
N HIS D 85 9.76 1.46 17.13
CA HIS D 85 8.32 1.32 16.90
C HIS D 85 7.68 0.36 17.90
N ALA D 86 8.40 -0.72 18.23
CA ALA D 86 7.97 -1.65 19.25
C ALA D 86 7.80 -0.95 20.60
N VAL D 87 8.71 -0.03 20.90
CA VAL D 87 8.65 0.76 22.15
C VAL D 87 7.39 1.61 22.17
N GLU D 88 7.16 2.35 21.08
CA GLU D 88 5.99 3.21 20.97
C GLU D 88 4.67 2.45 20.95
N THR D 89 4.66 1.28 20.32
CA THR D 89 3.50 0.40 20.31
C THR D 89 3.15 -0.11 21.72
N ALA D 90 4.19 -0.49 22.48
CA ALA D 90 3.99 -1.01 23.82
C ALA D 90 3.50 0.09 24.76
N LYS D 91 4.13 1.27 24.67
CA LYS D 91 3.69 2.48 25.38
C LYS D 91 2.23 2.81 25.07
N GLY D 92 1.87 2.72 23.79
CA GLY D 92 0.51 2.96 23.35
C GLY D 92 -0.49 1.98 23.95
N TYR D 93 -0.07 0.75 24.18
CA TYR D 93 -0.97 -0.25 24.77
C TYR D 93 -1.15 -0.15 26.28
N GLY D 94 -0.41 0.78 26.91
CA GLY D 94 -0.48 0.96 28.36
C GLY D 94 0.56 0.17 29.14
N MSE D 95 1.50 -0.46 28.45
CA MSE D 95 2.53 -1.25 29.11
C MSE D 95 3.49 -0.38 29.91
O MSE D 95 3.72 0.79 29.56
CB MSE D 95 3.26 -2.16 28.12
CG MSE D 95 2.31 -3.09 27.29
SE MSE D 95 1.39 -4.36 28.22
CE MSE D 95 -0.23 -3.62 28.29
N SER D 96 4.02 -0.92 30.99
CA SER D 96 5.07 -0.24 31.73
C SER D 96 6.45 -0.90 31.52
N LYS D 97 6.47 -2.06 30.89
CA LYS D 97 7.72 -2.76 30.64
C LYS D 97 7.73 -3.44 29.27
N LEU D 98 8.89 -3.36 28.61
CA LEU D 98 9.16 -4.08 27.38
C LEU D 98 10.39 -5.00 27.55
N GLU D 99 10.24 -6.26 27.19
CA GLU D 99 11.33 -7.24 27.32
C GLU D 99 11.71 -7.82 25.96
N VAL D 100 12.97 -8.26 25.87
CA VAL D 100 13.46 -8.96 24.70
C VAL D 100 14.56 -9.92 25.13
N GLY D 101 14.56 -11.14 24.59
CA GLY D 101 15.63 -12.10 24.84
C GLY D 101 16.48 -12.34 23.61
N THR D 102 17.76 -12.61 23.81
CA THR D 102 18.61 -12.97 22.69
C THR D 102 19.66 -13.98 23.14
N GLY D 103 20.24 -14.73 22.21
CA GLY D 103 21.26 -15.74 22.57
C GLY D 103 22.51 -15.11 23.15
N ASN D 104 23.28 -15.88 23.89
CA ASN D 104 24.54 -15.38 24.45
C ASN D 104 25.54 -14.97 23.35
N SER D 105 25.42 -15.65 22.21
CA SER D 105 26.24 -15.42 21.03
C SER D 105 25.83 -14.21 20.19
N SER D 106 24.59 -13.74 20.37
CA SER D 106 24.04 -12.66 19.55
C SER D 106 24.59 -11.33 20.01
N VAL D 107 25.88 -11.15 19.78
CA VAL D 107 26.65 -10.08 20.37
C VAL D 107 26.29 -8.69 19.79
N SER D 108 26.03 -8.62 18.48
CA SER D 108 25.62 -7.36 17.88
C SER D 108 24.19 -6.95 18.29
N GLN D 109 23.32 -7.93 18.54
CA GLN D 109 22.00 -7.64 19.12
C GLN D 109 22.09 -7.12 20.56
N LEU D 110 22.99 -7.72 21.34
CA LEU D 110 23.28 -7.24 22.70
C LEU D 110 23.72 -5.78 22.69
N ALA D 111 24.65 -5.44 21.79
CA ALA D 111 25.01 -4.02 21.55
C ALA D 111 23.81 -3.15 21.18
N LEU D 112 23.06 -3.59 20.17
CA LEU D 112 21.91 -2.82 19.67
C LEU D 112 20.83 -2.56 20.71
N TYR D 113 20.35 -3.64 21.36
CA TYR D 113 19.29 -3.53 22.37
C TYR D 113 19.66 -2.58 23.50
N GLN D 114 20.91 -2.67 23.95
CA GLN D 114 21.37 -1.85 25.05
C GLN D 114 21.56 -0.40 24.64
N LYS D 115 21.97 -0.17 23.38
CA LYS D 115 22.00 1.17 22.80
C LYS D 115 20.59 1.76 22.73
N CYS D 116 19.62 0.92 22.41
CA CYS D 116 18.22 1.33 22.31
C CYS D 116 17.50 1.46 23.66
N GLY D 117 18.22 1.19 24.76
CA GLY D 117 17.69 1.39 26.09
C GLY D 117 17.32 0.17 26.91
N PHE D 118 17.44 -1.03 26.35
CA PHE D 118 17.18 -2.27 27.12
C PHE D 118 18.35 -2.61 28.03
N ARG D 119 18.06 -3.11 29.23
CA ARG D 119 19.09 -3.51 30.17
C ARG D 119 19.05 -5.02 30.46
N ILE D 120 20.19 -5.68 30.35
CA ILE D 120 20.33 -7.09 30.71
C ILE D 120 20.03 -7.30 32.19
N PHE D 121 19.14 -8.24 32.50
CA PHE D 121 18.76 -8.49 33.89
C PHE D 121 18.78 -9.96 34.32
N SER D 122 18.87 -10.88 33.38
CA SER D 122 18.72 -12.31 33.70
C SER D 122 19.20 -13.21 32.56
N ILE D 123 19.41 -14.47 32.89
CA ILE D 123 19.79 -15.50 31.90
C ILE D 123 18.86 -16.70 32.09
N ASP D 124 18.28 -17.22 30.99
CA ASP D 124 17.67 -18.54 31.00
C ASP D 124 18.73 -19.52 30.47
N PHE D 125 19.32 -20.31 31.35
CA PHE D 125 20.37 -21.23 30.93
C PHE D 125 19.83 -22.38 30.11
N ASP D 126 20.53 -22.72 29.02
CA ASP D 126 20.18 -23.88 28.16
C ASP D 126 18.85 -23.74 27.40
N TYR D 127 18.32 -22.53 27.36
CA TYR D 127 17.09 -22.24 26.66
C TYR D 127 17.09 -22.82 25.25
N PHE D 128 18.17 -22.55 24.51
CA PHE D 128 18.26 -22.93 23.10
C PHE D 128 18.44 -24.43 22.89
N SER D 129 19.21 -25.05 23.78
CA SER D 129 19.40 -26.51 23.82
C SER D 129 18.07 -27.25 24.03
N LYS D 130 17.21 -26.71 24.89
CA LYS D 130 15.89 -27.31 25.14
C LYS D 130 14.93 -27.12 23.96
N HIS D 131 14.90 -25.90 23.43
CA HIS D 131 13.87 -25.48 22.48
C HIS D 131 14.12 -25.95 21.06
N TYR D 132 15.39 -26.27 20.76
CA TYR D 132 15.79 -26.62 19.40
C TYR D 132 16.62 -27.90 19.37
N GLU D 133 16.24 -28.79 18.46
CA GLU D 133 16.92 -30.06 18.23
C GLU D 133 18.37 -29.80 17.81
N GLU D 134 18.50 -28.91 16.82
CA GLU D 134 19.77 -28.56 16.18
C GLU D 134 20.54 -27.53 17.02
N GLU D 135 21.78 -27.86 17.36
CA GLU D 135 22.68 -26.90 18.00
C GLU D 135 22.92 -25.71 17.07
N ILE D 136 22.91 -24.52 17.68
CA ILE D 136 23.04 -23.27 16.92
C ILE D 136 24.38 -22.62 17.29
N ILE D 137 25.11 -22.19 16.27
CA ILE D 137 26.39 -21.51 16.45
C ILE D 137 26.36 -20.16 15.74
N GLU D 138 26.71 -19.10 16.46
CA GLU D 138 26.83 -17.77 15.88
C GLU D 138 28.22 -17.19 16.13
N ASN D 139 28.94 -16.88 15.06
CA ASN D 139 30.29 -16.28 15.12
C ASN D 139 31.26 -17.03 16.02
N GLY D 140 31.27 -18.36 15.90
CA GLY D 140 32.18 -19.20 16.67
C GLY D 140 31.80 -19.39 18.13
N ILE D 141 30.57 -18.98 18.47
CA ILE D 141 30.04 -19.15 19.83
C ILE D 141 28.76 -19.99 19.76
N VAL D 142 28.70 -21.05 20.58
CA VAL D 142 27.47 -21.84 20.72
C VAL D 142 26.38 -20.96 21.35
N CYS D 143 25.23 -20.91 20.67
CA CYS D 143 24.06 -20.22 21.18
C CYS D 143 23.33 -21.16 22.13
N ARG D 144 23.46 -20.86 23.41
CA ARG D 144 23.15 -21.81 24.47
C ARG D 144 22.09 -21.27 25.41
N ASP D 145 22.29 -20.02 25.82
CA ASP D 145 21.52 -19.40 26.88
C ASP D 145 20.79 -18.18 26.35
N MSE D 146 19.59 -17.94 26.85
CA MSE D 146 18.82 -16.75 26.51
C MSE D 146 19.19 -15.63 27.47
O MSE D 146 19.03 -15.78 28.68
CB MSE D 146 17.30 -17.01 26.52
CG MSE D 146 16.48 -15.72 26.33
SE MSE D 146 14.74 -15.83 25.79
CE MSE D 146 13.84 -16.46 27.21
N ILE D 147 19.72 -14.54 26.93
CA ILE D 147 19.99 -13.33 27.71
C ILE D 147 18.73 -12.49 27.68
N ARG D 148 18.27 -12.07 28.87
CA ARG D 148 17.01 -11.35 29.01
C ARG D 148 17.24 -9.88 29.29
N LEU D 149 16.61 -9.03 28.48
CA LEU D 149 16.76 -7.59 28.70
C LEU D 149 15.40 -6.93 28.91
N ALA D 150 15.39 -5.77 29.56
CA ALA D 150 14.13 -5.06 29.77
C ALA D 150 14.33 -3.55 29.84
N MSE D 151 13.28 -2.84 29.47
CA MSE D 151 13.22 -1.39 29.50
C MSE D 151 11.92 -1.01 30.20
O MSE D 151 10.86 -1.56 29.90
CB MSE D 151 13.23 -0.88 28.07
CG MSE D 151 12.91 0.60 27.86
SE MSE D 151 12.63 0.96 26.11
CE MSE D 151 14.04 0.19 25.38
N GLU D 152 12.00 -0.08 31.16
CA GLU D 152 10.81 0.51 31.76
C GLU D 152 10.27 1.60 30.83
N LEU D 153 8.95 1.63 30.60
CA LEU D 153 8.37 2.51 29.58
C LEU D 153 7.80 3.84 30.11
#